data_5S7N
#
_entry.id   5S7N
#
_cell.length_a   127.069
_cell.length_b   84.662
_cell.length_c   87.984
_cell.angle_alpha   90.000
_cell.angle_beta   130.950
_cell.angle_gamma   90.000
#
_symmetry.space_group_name_H-M   'C 1 2 1'
#
loop_
_entity.id
_entity.type
_entity.pdbx_description
1 polymer 'Activin receptor type-1'
2 non-polymer 4-methyl-3-[4-(1-methylpiperidin-4-yl)phenyl]-5-(3,4,5-trimethoxyphenyl)pyridine
3 non-polymer 1,2-ETHANEDIOL
4 non-polymer 'DIMETHYL SULFOXIDE'
5 non-polymer 1H-imidazol-2-amine
6 non-polymer 'SULFATE ION'
7 water water
#
_entity_poly.entity_id   1
_entity_poly.type   'polypeptide(L)'
_entity_poly.pdbx_seq_one_letter_code
;SMQRTVARDITLLECVGKGRYGEVWRGSWQGENVAVKIFSSRDEKSWFRETELYNTVMLRHENILGFIASDMTSRHSSTQ
LWLITHYHEMGSLYDYLQLTTLDTVSCLRIVLSIASGLAHLHIEIFGTQGKPAIAHRDLKSKNILVKKNGQCCIADLGLA
VMHSQSTNQLDVGNNPRVGTKRYMAPEVLDETIQVDCFDSYKRVDIWAFGLVLWEVARRMVSNGIVEDYKPPFYDVVPND
PSFEDMRKVVCVDQQRPNIPNRWFSDPTLTSLAKLMKECWYQNPSARLTALRIKKTLTKID
;
_entity_poly.pdbx_strand_id   A,B
#
loop_
_chem_comp.id
_chem_comp.type
_chem_comp.name
_chem_comp.formula
2AI non-polymer 1H-imidazol-2-amine 'C3 H5 N3'
DMS non-polymer 'DIMETHYL SULFOXIDE' 'C2 H6 O S'
EDO non-polymer 1,2-ETHANEDIOL 'C2 H6 O2'
LU8 non-polymer 4-methyl-3-[4-(1-methylpiperidin-4-yl)phenyl]-5-(3,4,5-trimethoxyphenyl)pyridine 'C27 H32 N2 O3'
SO4 non-polymer 'SULFATE ION' 'O4 S -2'
#
# COMPACT_ATOMS: atom_id res chain seq x y z
N GLN A 3 24.56 -28.81 25.07
CA GLN A 3 23.40 -27.87 24.97
C GLN A 3 22.88 -27.86 23.52
N ARG A 4 22.81 -26.69 22.88
CA ARG A 4 22.11 -26.53 21.58
C ARG A 4 22.91 -27.31 20.52
N THR A 5 22.27 -28.28 19.89
CA THR A 5 22.80 -28.87 18.64
C THR A 5 22.37 -27.90 17.54
N VAL A 6 23.33 -27.46 16.73
CA VAL A 6 23.05 -26.62 15.53
C VAL A 6 23.30 -27.51 14.32
N ALA A 7 22.22 -28.12 13.83
CA ALA A 7 22.29 -29.03 12.66
C ALA A 7 22.36 -28.15 11.43
N ARG A 8 23.49 -28.21 10.74
CA ARG A 8 23.85 -27.35 9.60
C ARG A 8 23.98 -28.27 8.38
N ASP A 9 24.19 -29.56 8.61
CA ASP A 9 24.25 -30.51 7.48
C ASP A 9 23.05 -30.20 6.57
N ILE A 10 23.32 -29.93 5.29
CA ILE A 10 22.29 -29.93 4.21
C ILE A 10 22.69 -31.05 3.25
N THR A 11 21.79 -31.99 2.99
CA THR A 11 22.01 -33.03 1.96
C THR A 11 21.67 -32.44 0.58
N LEU A 12 22.66 -32.34 -0.30
CA LEU A 12 22.44 -31.94 -1.71
C LEU A 12 21.93 -33.18 -2.43
N LEU A 13 20.74 -33.12 -3.00
CA LEU A 13 20.06 -34.33 -3.50
C LEU A 13 20.12 -34.36 -5.02
N GLU A 14 19.85 -33.24 -5.68
CA GLU A 14 19.91 -33.19 -7.16
C GLU A 14 20.20 -31.76 -7.61
N CYS A 15 20.96 -31.66 -8.69
CA CYS A 15 21.29 -30.37 -9.31
C CYS A 15 20.14 -29.98 -10.23
N VAL A 16 19.52 -28.83 -9.98
CA VAL A 16 18.34 -28.36 -10.76
C VAL A 16 18.74 -27.18 -11.64
N GLY A 17 20.03 -26.81 -11.65
CA GLY A 17 20.50 -25.67 -12.43
C GLY A 17 22.01 -25.59 -12.41
N LYS A 18 22.61 -25.31 -13.57
CA LYS A 18 24.08 -25.15 -13.71
C LYS A 18 24.26 -24.03 -14.72
N GLY A 19 25.21 -23.14 -14.48
CA GLY A 19 25.40 -21.94 -15.32
C GLY A 19 26.74 -21.32 -15.01
N ARG A 20 26.96 -20.13 -15.55
CA ARG A 20 28.15 -19.30 -15.24
C ARG A 20 28.04 -18.87 -13.77
N TYR A 21 26.82 -18.72 -13.22
CA TYR A 21 26.55 -18.27 -11.82
C TYR A 21 27.07 -19.32 -10.82
N GLY A 22 27.24 -20.56 -11.27
CA GLY A 22 27.46 -21.71 -10.38
C GLY A 22 26.35 -22.72 -10.56
N GLU A 23 25.83 -23.27 -9.47
CA GLU A 23 24.83 -24.36 -9.52
C GLU A 23 23.70 -24.09 -8.54
N VAL A 24 22.48 -24.57 -8.83
CA VAL A 24 21.43 -24.69 -7.78
C VAL A 24 21.11 -26.16 -7.56
N TRP A 25 20.98 -26.53 -6.30
CA TRP A 25 20.64 -27.89 -5.84
C TRP A 25 19.35 -27.88 -5.06
N ARG A 26 18.50 -28.88 -5.27
CA ARG A 26 17.52 -29.28 -4.25
C ARG A 26 18.29 -29.91 -3.10
N GLY A 27 18.01 -29.45 -1.89
CA GLY A 27 18.64 -29.97 -0.67
C GLY A 27 17.60 -30.31 0.35
N SER A 28 18.04 -31.01 1.37
CA SER A 28 17.18 -31.43 2.49
C SER A 28 17.86 -30.88 3.71
N TRP A 29 17.10 -30.17 4.52
CA TRP A 29 17.49 -29.84 5.90
C TRP A 29 16.40 -30.35 6.83
N GLN A 30 16.66 -31.34 7.69
CA GLN A 30 15.64 -31.74 8.68
C GLN A 30 14.35 -32.10 7.93
N GLY A 31 13.25 -31.39 8.22
CA GLY A 31 11.95 -31.58 7.54
C GLY A 31 11.59 -30.45 6.56
N GLU A 32 12.59 -29.82 5.92
CA GLU A 32 12.35 -28.83 4.83
C GLU A 32 13.23 -29.20 3.63
N ASN A 33 12.61 -29.42 2.45
CA ASN A 33 13.30 -29.20 1.14
C ASN A 33 13.81 -27.75 1.17
N VAL A 34 15.02 -27.53 0.70
CA VAL A 34 15.59 -26.17 0.53
C VAL A 34 16.25 -26.13 -0.84
N ALA A 35 16.45 -24.92 -1.37
CA ALA A 35 17.24 -24.73 -2.59
C ALA A 35 18.60 -24.13 -2.17
N VAL A 36 19.68 -24.66 -2.72
CA VAL A 36 21.04 -24.23 -2.37
C VAL A 36 21.71 -23.74 -3.63
N LYS A 37 22.01 -22.46 -3.69
CA LYS A 37 22.80 -21.86 -4.78
C LYS A 37 24.25 -21.85 -4.34
N ILE A 38 25.10 -22.56 -5.07
CA ILE A 38 26.56 -22.62 -4.84
C ILE A 38 27.20 -21.69 -5.88
N PHE A 39 27.84 -20.62 -5.45
CA PHE A 39 28.32 -19.56 -6.37
C PHE A 39 29.64 -19.96 -7.00
N SER A 40 29.76 -19.65 -8.29
CA SER A 40 31.04 -19.65 -9.00
C SER A 40 31.93 -18.54 -8.43
N SER A 41 33.23 -18.66 -8.63
CA SER A 41 34.18 -17.57 -8.29
C SER A 41 33.78 -16.36 -9.14
N ARG A 42 33.31 -16.59 -10.38
CA ARG A 42 32.87 -15.54 -11.34
C ARG A 42 31.82 -14.64 -10.69
N ASP A 43 30.98 -15.22 -9.84
CA ASP A 43 29.77 -14.51 -9.38
C ASP A 43 29.79 -14.28 -7.87
N GLU A 44 30.96 -14.28 -7.22
CA GLU A 44 31.04 -14.04 -5.75
C GLU A 44 30.33 -12.73 -5.38
N LYS A 45 30.40 -11.66 -6.17
CA LYS A 45 29.84 -10.36 -5.77
C LYS A 45 28.32 -10.51 -5.59
N SER A 46 27.67 -11.38 -6.36
CA SER A 46 26.20 -11.57 -6.22
C SER A 46 25.89 -12.15 -4.84
N TRP A 47 26.68 -13.09 -4.32
CA TRP A 47 26.46 -13.62 -2.96
C TRP A 47 26.62 -12.48 -1.95
N PHE A 48 27.68 -11.68 -2.07
CA PHE A 48 27.90 -10.57 -1.13
C PHE A 48 26.77 -9.55 -1.17
N ARG A 49 26.28 -9.22 -2.37
CA ARG A 49 25.23 -8.19 -2.47
C ARG A 49 23.92 -8.70 -1.85
N GLU A 50 23.52 -9.92 -2.16
CA GLU A 50 22.27 -10.45 -1.62
C GLU A 50 22.40 -10.60 -0.10
N THR A 51 23.56 -11.06 0.37
CA THR A 51 23.83 -11.21 1.81
C THR A 51 23.76 -9.81 2.46
N GLU A 52 24.44 -8.81 1.89
CA GLU A 52 24.41 -7.46 2.48
C GLU A 52 22.98 -6.94 2.55
N LEU A 53 22.20 -7.20 1.52
CA LEU A 53 20.81 -6.70 1.50
C LEU A 53 20.01 -7.39 2.63
N TYR A 54 20.10 -8.70 2.75
CA TYR A 54 19.33 -9.44 3.77
C TYR A 54 19.86 -9.16 5.18
N ASN A 55 21.10 -8.72 5.33
CA ASN A 55 21.65 -8.27 6.64
C ASN A 55 21.10 -6.91 6.95
N THR A 56 20.66 -6.15 5.96
CA THR A 56 20.09 -4.80 6.12
C THR A 56 18.59 -4.88 6.38
N VAL A 57 17.88 -5.71 5.63
CA VAL A 57 16.40 -5.83 5.74
C VAL A 57 16.04 -7.29 5.48
N MET A 58 15.35 -7.93 6.42
CA MET A 58 14.93 -9.33 6.25
C MET A 58 13.61 -9.31 5.47
N LEU A 59 13.71 -9.33 4.15
CA LEU A 59 12.50 -9.29 3.32
C LEU A 59 11.66 -10.53 3.59
N ARG A 60 10.38 -10.34 3.77
CA ARG A 60 9.43 -11.45 3.93
C ARG A 60 8.20 -11.10 3.15
N HIS A 61 7.98 -11.77 2.02
CA HIS A 61 6.82 -11.47 1.16
C HIS A 61 6.49 -12.72 0.37
N GLU A 62 5.23 -13.02 0.18
CA GLU A 62 4.77 -14.23 -0.54
C GLU A 62 5.31 -14.27 -1.98
N ASN A 63 5.64 -13.13 -2.55
CA ASN A 63 6.08 -13.06 -3.98
C ASN A 63 7.56 -12.72 -4.11
N ILE A 64 8.32 -12.91 -3.02
N ILE A 64 8.33 -12.91 -3.04
CA ILE A 64 9.80 -12.83 -2.98
CA ILE A 64 9.82 -12.82 -3.07
C ILE A 64 10.33 -14.20 -2.54
C ILE A 64 10.37 -14.13 -2.53
N LEU A 65 11.28 -14.74 -3.28
CA LEU A 65 11.83 -16.05 -2.90
C LEU A 65 12.29 -15.97 -1.44
N GLY A 66 11.89 -16.94 -0.64
CA GLY A 66 12.10 -16.85 0.81
C GLY A 66 13.52 -17.16 1.22
N PHE A 67 14.18 -16.20 1.88
CA PHE A 67 15.55 -16.39 2.40
C PHE A 67 15.56 -17.35 3.56
N ILE A 68 16.57 -18.24 3.57
CA ILE A 68 16.84 -19.09 4.75
C ILE A 68 18.22 -18.77 5.29
N ALA A 69 19.28 -18.80 4.47
CA ALA A 69 20.62 -18.62 5.03
C ALA A 69 21.61 -18.16 3.97
N SER A 70 22.66 -17.46 4.40
CA SER A 70 23.88 -17.21 3.62
C SER A 70 25.02 -17.90 4.37
N ASP A 71 25.74 -18.77 3.70
CA ASP A 71 26.79 -19.57 4.34
C ASP A 71 28.11 -19.37 3.59
N MET A 72 29.13 -19.02 4.34
CA MET A 72 30.52 -18.98 3.84
C MET A 72 31.31 -20.06 4.58
N THR A 73 31.96 -20.99 3.87
CA THR A 73 32.77 -22.07 4.49
C THR A 73 34.20 -21.98 3.92
N SER A 74 35.19 -22.01 4.82
CA SER A 74 36.63 -22.04 4.47
C SER A 74 36.95 -23.42 3.88
N ARG A 75 37.59 -23.46 2.71
CA ARG A 75 38.18 -24.70 2.14
C ARG A 75 39.69 -24.52 2.03
N HIS A 76 40.41 -25.60 1.74
CA HIS A 76 41.90 -25.63 1.71
C HIS A 76 42.42 -24.41 0.97
N SER A 77 41.90 -24.13 -0.23
CA SER A 77 42.49 -23.16 -1.20
C SER A 77 41.44 -22.19 -1.72
N SER A 78 40.23 -22.20 -1.15
CA SER A 78 39.10 -21.37 -1.66
C SER A 78 38.09 -21.12 -0.55
N THR A 79 37.16 -20.22 -0.84
CA THR A 79 35.98 -19.94 0.01
C THR A 79 34.76 -20.47 -0.72
N GLN A 80 33.90 -21.23 -0.06
CA GLN A 80 32.64 -21.77 -0.66
C GLN A 80 31.48 -20.90 -0.20
N LEU A 81 30.68 -20.41 -1.14
CA LEU A 81 29.59 -19.46 -0.82
C LEU A 81 28.29 -20.10 -1.25
N TRP A 82 27.38 -20.26 -0.30
CA TRP A 82 26.06 -20.87 -0.54
C TRP A 82 24.97 -19.86 -0.16
N LEU A 83 23.91 -19.78 -0.95
CA LEU A 83 22.66 -19.09 -0.56
C LEU A 83 21.59 -20.16 -0.47
N ILE A 84 20.88 -20.18 0.65
CA ILE A 84 19.86 -21.21 0.92
C ILE A 84 18.52 -20.51 0.99
N THR A 85 17.55 -20.98 0.21
CA THR A 85 16.22 -20.39 0.13
C THR A 85 15.16 -21.48 0.17
N HIS A 86 13.93 -21.05 0.27
CA HIS A 86 12.78 -21.91 -0.03
C HIS A 86 12.98 -22.60 -1.38
N TYR A 87 12.40 -23.81 -1.50
CA TYR A 87 12.48 -24.61 -2.72
C TYR A 87 11.09 -24.67 -3.39
N HIS A 88 11.05 -24.27 -4.68
CA HIS A 88 9.81 -24.27 -5.48
C HIS A 88 9.94 -25.35 -6.56
N GLU A 89 9.32 -26.50 -6.28
CA GLU A 89 9.55 -27.69 -7.13
C GLU A 89 9.08 -27.47 -8.58
N MET A 90 8.15 -26.54 -8.83
CA MET A 90 7.63 -26.32 -10.20
C MET A 90 8.68 -25.62 -11.07
N GLY A 91 9.69 -25.01 -10.47
CA GLY A 91 10.78 -24.39 -11.20
C GLY A 91 10.46 -23.00 -11.70
N SER A 92 11.24 -22.52 -12.63
CA SER A 92 11.15 -21.12 -13.07
C SER A 92 9.97 -20.91 -14.00
N LEU A 93 9.50 -19.69 -14.07
CA LEU A 93 8.45 -19.29 -15.03
C LEU A 93 8.90 -19.56 -16.45
N TYR A 94 10.16 -19.31 -16.75
CA TYR A 94 10.73 -19.58 -18.08
C TYR A 94 10.50 -21.04 -18.47
N ASP A 95 10.82 -22.00 -17.61
N ASP A 95 10.87 -21.96 -17.57
CA ASP A 95 10.63 -23.41 -18.05
CA ASP A 95 10.70 -23.43 -17.69
C ASP A 95 9.14 -23.77 -17.97
C ASP A 95 9.21 -23.74 -17.92
N TYR A 96 8.38 -23.21 -17.03
CA TYR A 96 6.95 -23.55 -16.91
C TYR A 96 6.22 -23.16 -18.20
N LEU A 97 6.51 -21.98 -18.74
CA LEU A 97 5.81 -21.48 -19.94
C LEU A 97 6.17 -22.32 -21.15
N GLN A 98 7.26 -23.09 -21.13
CA GLN A 98 7.67 -23.83 -22.36
C GLN A 98 6.61 -24.87 -22.72
N LEU A 99 6.04 -25.52 -21.71
CA LEU A 99 5.22 -26.77 -21.81
C LEU A 99 3.85 -26.60 -21.15
N THR A 100 3.48 -25.39 -20.76
CA THR A 100 2.17 -25.11 -20.16
C THR A 100 1.53 -23.96 -20.91
N THR A 101 0.25 -24.08 -21.23
CA THR A 101 -0.60 -22.93 -21.61
C THR A 101 -1.45 -22.51 -20.41
N LEU A 102 -2.00 -21.30 -20.47
CA LEU A 102 -2.66 -20.64 -19.34
C LEU A 102 -4.08 -20.31 -19.70
N ASP A 103 -4.99 -20.29 -18.75
CA ASP A 103 -6.28 -19.62 -18.93
C ASP A 103 -6.24 -18.21 -18.37
N THR A 104 -7.33 -17.49 -18.42
CA THR A 104 -7.40 -16.09 -17.99
C THR A 104 -7.05 -15.98 -16.51
N VAL A 105 -7.64 -16.82 -15.69
CA VAL A 105 -7.41 -16.76 -14.22
C VAL A 105 -5.94 -17.03 -13.95
N SER A 106 -5.37 -18.08 -14.51
N SER A 106 -5.36 -18.06 -14.54
CA SER A 106 -3.96 -18.47 -14.26
CA SER A 106 -3.95 -18.46 -14.24
C SER A 106 -3.03 -17.32 -14.73
C SER A 106 -2.97 -17.41 -14.78
N CYS A 107 -3.26 -16.80 -15.93
CA CYS A 107 -2.42 -15.72 -16.49
C CYS A 107 -2.44 -14.52 -15.55
N LEU A 108 -3.61 -14.03 -15.15
CA LEU A 108 -3.72 -12.87 -14.27
C LEU A 108 -3.08 -13.18 -12.91
N ARG A 109 -3.26 -14.37 -12.39
CA ARG A 109 -2.71 -14.69 -11.06
C ARG A 109 -1.17 -14.61 -11.11
N ILE A 110 -0.58 -15.15 -12.17
CA ILE A 110 0.87 -15.08 -12.38
C ILE A 110 1.30 -13.61 -12.44
N VAL A 111 0.71 -12.82 -13.34
CA VAL A 111 1.30 -11.49 -13.54
C VAL A 111 1.01 -10.58 -12.36
N LEU A 112 -0.17 -10.68 -11.76
CA LEU A 112 -0.44 -9.86 -10.54
C LEU A 112 0.51 -10.27 -9.41
N SER A 113 0.86 -11.55 -9.26
CA SER A 113 1.79 -11.95 -8.16
C SER A 113 3.17 -11.34 -8.44
N ILE A 114 3.58 -11.31 -9.70
CA ILE A 114 4.93 -10.73 -10.00
C ILE A 114 4.88 -9.23 -9.67
N ALA A 115 3.84 -8.53 -10.14
CA ALA A 115 3.68 -7.09 -9.85
C ALA A 115 3.68 -6.82 -8.34
N SER A 116 3.08 -7.72 -7.58
N SER A 116 3.06 -7.72 -7.57
CA SER A 116 2.99 -7.59 -6.12
CA SER A 116 2.97 -7.61 -6.10
C SER A 116 4.39 -7.70 -5.51
C SER A 116 4.37 -7.71 -5.50
N GLY A 117 5.16 -8.69 -5.93
CA GLY A 117 6.53 -8.85 -5.44
C GLY A 117 7.34 -7.62 -5.84
N LEU A 118 7.18 -7.14 -7.07
CA LEU A 118 8.03 -6.04 -7.57
C LEU A 118 7.69 -4.74 -6.83
N ALA A 119 6.40 -4.50 -6.59
CA ALA A 119 5.97 -3.31 -5.86
C ALA A 119 6.53 -3.38 -4.44
N HIS A 120 6.54 -4.56 -3.84
CA HIS A 120 7.09 -4.71 -2.47
C HIS A 120 8.56 -4.34 -2.51
N LEU A 121 9.34 -4.81 -3.48
CA LEU A 121 10.76 -4.41 -3.57
C LEU A 121 10.84 -2.89 -3.70
N HIS A 122 10.08 -2.29 -4.58
CA HIS A 122 10.26 -0.89 -4.95
C HIS A 122 9.87 0.07 -3.81
N ILE A 123 8.98 -0.31 -2.91
CA ILE A 123 8.37 0.67 -1.95
C ILE A 123 9.26 0.84 -0.73
N GLU A 124 9.52 2.07 -0.34
CA GLU A 124 10.16 2.37 0.97
C GLU A 124 9.07 2.32 2.04
N ILE A 125 9.29 1.55 3.10
CA ILE A 125 8.34 1.50 4.26
C ILE A 125 9.12 2.06 5.45
N PHE A 126 8.55 3.04 6.15
CA PHE A 126 9.21 3.74 7.28
C PHE A 126 8.93 2.97 8.58
N GLY A 127 9.82 3.16 9.58
CA GLY A 127 9.65 2.69 10.96
C GLY A 127 10.29 1.34 11.17
N THR A 128 10.22 0.81 12.40
CA THR A 128 10.54 -0.61 12.72
C THR A 128 9.71 -1.47 11.76
N GLN A 129 10.21 -2.63 11.39
CA GLN A 129 9.60 -3.54 10.38
C GLN A 129 9.35 -2.81 9.06
N GLY A 130 10.05 -1.70 8.78
CA GLY A 130 10.05 -1.06 7.45
C GLY A 130 11.12 -1.67 6.55
N LYS A 131 11.41 -0.98 5.45
CA LYS A 131 12.41 -1.43 4.46
C LYS A 131 12.83 -0.27 3.58
N PRO A 132 14.08 -0.28 3.10
CA PRO A 132 14.50 0.64 2.06
C PRO A 132 13.82 0.22 0.75
N ALA A 133 13.67 1.18 -0.14
CA ALA A 133 13.31 0.88 -1.54
C ALA A 133 14.43 0.05 -2.16
N ILE A 134 14.05 -0.90 -3.02
CA ILE A 134 14.97 -1.86 -3.67
C ILE A 134 14.59 -1.92 -5.14
N ALA A 135 15.57 -1.81 -6.01
CA ALA A 135 15.43 -2.18 -7.44
C ALA A 135 16.20 -3.48 -7.70
N HIS A 136 15.60 -4.36 -8.51
CA HIS A 136 16.07 -5.74 -8.75
C HIS A 136 17.25 -5.76 -9.72
N ARG A 137 17.07 -5.13 -10.88
CA ARG A 137 18.11 -4.90 -11.92
C ARG A 137 18.38 -6.15 -12.78
N ASP A 138 17.73 -7.28 -12.55
CA ASP A 138 17.85 -8.40 -13.52
C ASP A 138 16.53 -9.19 -13.58
N LEU A 139 15.42 -8.49 -13.71
CA LEU A 139 14.10 -9.18 -13.74
C LEU A 139 13.93 -9.82 -15.10
N LYS A 140 13.52 -11.07 -15.09
CA LYS A 140 13.33 -11.87 -16.31
C LYS A 140 12.62 -13.14 -15.89
N SER A 141 12.14 -13.95 -16.85
CA SER A 141 11.33 -15.13 -16.54
C SER A 141 12.16 -16.24 -15.85
N LYS A 142 13.47 -16.29 -16.10
CA LYS A 142 14.34 -17.27 -15.38
C LYS A 142 14.50 -16.88 -13.92
N ASN A 143 14.25 -15.63 -13.55
CA ASN A 143 14.43 -15.15 -12.15
C ASN A 143 13.08 -15.07 -11.45
N ILE A 144 12.11 -15.82 -11.95
CA ILE A 144 10.76 -15.89 -11.33
C ILE A 144 10.44 -17.37 -11.15
N LEU A 145 10.03 -17.78 -9.95
CA LEU A 145 9.69 -19.19 -9.69
CA LEU A 145 9.68 -19.18 -9.68
C LEU A 145 8.17 -19.32 -9.56
N VAL A 146 7.65 -20.47 -9.98
CA VAL A 146 6.21 -20.78 -9.90
C VAL A 146 5.93 -21.58 -8.64
N LYS A 147 4.96 -21.14 -7.86
CA LYS A 147 4.57 -21.83 -6.64
C LYS A 147 3.36 -22.72 -6.94
N LYS A 148 3.15 -23.73 -6.08
CA LYS A 148 2.03 -24.69 -6.30
C LYS A 148 0.69 -23.97 -6.25
N ASN A 149 0.56 -22.86 -5.52
CA ASN A 149 -0.73 -22.13 -5.43
C ASN A 149 -0.99 -21.22 -6.63
N GLY A 150 -0.14 -21.24 -7.63
CA GLY A 150 -0.43 -20.51 -8.87
C GLY A 150 0.16 -19.13 -8.90
N GLN A 151 0.64 -18.65 -7.76
CA GLN A 151 1.34 -17.35 -7.71
C GLN A 151 2.82 -17.63 -7.98
N CYS A 152 3.57 -16.59 -8.27
CA CYS A 152 5.02 -16.65 -8.51
C CYS A 152 5.76 -15.90 -7.41
N CYS A 153 7.07 -16.10 -7.41
CA CYS A 153 7.95 -15.27 -6.55
C CYS A 153 9.20 -14.87 -7.31
N ILE A 154 9.68 -13.70 -6.98
CA ILE A 154 10.87 -13.09 -7.61
C ILE A 154 12.13 -13.59 -6.89
N ALA A 155 13.12 -13.99 -7.66
CA ALA A 155 14.40 -14.55 -7.17
C ALA A 155 15.56 -13.68 -7.66
N ASP A 156 16.69 -13.83 -6.97
CA ASP A 156 18.03 -13.37 -7.37
C ASP A 156 18.16 -11.88 -7.14
N LEU A 157 18.61 -11.50 -5.96
CA LEU A 157 18.87 -10.09 -5.62
C LEU A 157 20.36 -9.79 -5.68
N GLY A 158 21.10 -10.56 -6.48
CA GLY A 158 22.57 -10.40 -6.61
C GLY A 158 22.95 -9.11 -7.26
N LEU A 159 22.06 -8.43 -7.99
CA LEU A 159 22.36 -7.12 -8.62
C LEU A 159 21.53 -6.00 -8.01
N ALA A 160 20.77 -6.32 -6.96
CA ALA A 160 19.79 -5.38 -6.39
C ALA A 160 20.51 -4.19 -5.80
N VAL A 161 19.86 -3.04 -5.87
CA VAL A 161 20.30 -1.78 -5.24
C VAL A 161 19.24 -1.25 -4.27
N MET A 162 19.72 -0.74 -3.14
CA MET A 162 18.87 -0.22 -2.04
C MET A 162 18.95 1.31 -2.07
N HIS A 163 17.86 1.99 -1.76
CA HIS A 163 17.80 3.45 -1.54
C HIS A 163 17.32 3.77 -0.12
N ARG A 177 27.42 -8.98 -14.19
CA ARG A 177 27.51 -7.86 -13.21
C ARG A 177 26.82 -6.60 -13.74
N VAL A 178 26.30 -6.68 -14.98
CA VAL A 178 25.25 -5.81 -15.59
C VAL A 178 24.02 -6.72 -15.73
N GLY A 179 22.81 -6.21 -15.95
CA GLY A 179 21.66 -7.11 -16.17
C GLY A 179 21.74 -7.90 -17.48
N THR A 180 20.81 -8.82 -17.66
CA THR A 180 20.66 -9.62 -18.89
C THR A 180 20.36 -8.72 -20.09
N LYS A 181 21.19 -8.76 -21.13
CA LYS A 181 21.11 -7.77 -22.22
CA LYS A 181 21.11 -7.78 -22.23
C LYS A 181 19.75 -7.80 -22.92
N ARG A 182 19.16 -8.98 -23.11
CA ARG A 182 17.90 -9.08 -23.84
C ARG A 182 16.82 -8.23 -23.15
N TYR A 183 16.90 -8.09 -21.83
CA TYR A 183 15.88 -7.39 -21.04
C TYR A 183 16.27 -5.98 -20.66
N MET A 184 17.37 -5.47 -21.18
CA MET A 184 17.83 -4.11 -20.84
C MET A 184 16.95 -3.03 -21.46
N ALA A 185 16.62 -2.03 -20.65
CA ALA A 185 15.86 -0.84 -21.08
C ALA A 185 16.71 0.01 -22.01
N PRO A 186 16.06 0.81 -22.86
CA PRO A 186 16.78 1.65 -23.80
C PRO A 186 17.83 2.58 -23.15
N GLU A 187 17.55 3.15 -22.00
CA GLU A 187 18.45 4.09 -21.34
C GLU A 187 19.69 3.37 -20.81
N VAL A 188 19.61 2.07 -20.56
CA VAL A 188 20.80 1.26 -20.22
C VAL A 188 21.62 1.05 -21.48
N LEU A 189 20.98 0.66 -22.56
CA LEU A 189 21.69 0.37 -23.84
C LEU A 189 22.34 1.65 -24.43
N ASP A 190 21.74 2.82 -24.28
CA ASP A 190 22.28 4.06 -24.90
C ASP A 190 23.05 4.84 -23.85
N GLU A 191 23.20 4.31 -22.64
CA GLU A 191 24.05 4.86 -21.55
C GLU A 191 23.55 6.26 -21.18
N THR A 192 22.26 6.54 -21.31
CA THR A 192 21.65 7.83 -20.88
C THR A 192 21.03 7.68 -19.50
N ILE A 193 20.98 6.47 -18.94
CA ILE A 193 20.34 6.29 -17.61
C ILE A 193 20.96 7.27 -16.59
N GLN A 194 20.09 7.92 -15.83
CA GLN A 194 20.46 8.88 -14.74
C GLN A 194 20.87 8.05 -13.52
N VAL A 195 22.15 7.66 -13.46
CA VAL A 195 22.73 6.63 -12.52
C VAL A 195 22.71 7.11 -11.06
N ASP A 196 22.51 8.41 -10.81
CA ASP A 196 22.47 9.00 -9.44
C ASP A 196 21.02 9.16 -8.98
N CYS A 197 20.06 8.64 -9.73
CA CYS A 197 18.61 8.83 -9.44
C CYS A 197 18.06 7.44 -9.18
N PHE A 198 17.60 7.18 -7.96
CA PHE A 198 17.17 5.79 -7.64
C PHE A 198 15.98 5.41 -8.52
N ASP A 199 15.08 6.34 -8.80
CA ASP A 199 13.88 6.05 -9.61
C ASP A 199 14.32 5.48 -10.97
N SER A 200 15.50 5.84 -11.45
CA SER A 200 15.99 5.29 -12.73
C SER A 200 15.96 3.77 -12.68
N TYR A 201 16.32 3.18 -11.56
CA TYR A 201 16.51 1.71 -11.50
C TYR A 201 15.14 1.06 -11.42
N LYS A 202 14.19 1.71 -10.76
N LYS A 202 14.19 1.71 -10.76
CA LYS A 202 12.81 1.19 -10.71
CA LYS A 202 12.81 1.19 -10.74
C LYS A 202 12.28 1.17 -12.15
C LYS A 202 12.30 1.16 -12.18
N ARG A 203 12.56 2.21 -12.95
CA ARG A 203 12.01 2.30 -14.31
C ARG A 203 12.66 1.26 -15.23
N VAL A 204 13.87 0.85 -14.98
CA VAL A 204 14.53 -0.26 -15.71
C VAL A 204 13.82 -1.55 -15.35
N ASP A 205 13.43 -1.72 -14.10
CA ASP A 205 12.70 -2.96 -13.74
C ASP A 205 11.36 -2.99 -14.44
N ILE A 206 10.67 -1.85 -14.54
CA ILE A 206 9.32 -1.81 -15.16
C ILE A 206 9.40 -2.22 -16.63
N TRP A 207 10.41 -1.75 -17.34
CA TRP A 207 10.65 -2.19 -18.73
C TRP A 207 10.72 -3.71 -18.76
N ALA A 208 11.58 -4.30 -17.94
CA ALA A 208 11.79 -5.77 -17.91
C ALA A 208 10.48 -6.46 -17.53
N PHE A 209 9.73 -5.91 -16.57
CA PHE A 209 8.38 -6.45 -16.23
C PHE A 209 7.49 -6.50 -17.45
N GLY A 210 7.46 -5.43 -18.23
CA GLY A 210 6.62 -5.43 -19.43
C GLY A 210 6.98 -6.58 -20.35
N LEU A 211 8.27 -6.84 -20.53
CA LEU A 211 8.73 -8.00 -21.37
C LEU A 211 8.23 -9.33 -20.79
N VAL A 212 8.32 -9.49 -19.48
CA VAL A 212 7.84 -10.71 -18.81
C VAL A 212 6.33 -10.83 -19.03
N LEU A 213 5.61 -9.72 -18.89
N LEU A 213 5.59 -9.73 -18.87
CA LEU A 213 4.15 -9.73 -19.09
CA LEU A 213 4.12 -9.71 -19.13
C LEU A 213 3.83 -10.23 -20.52
C LEU A 213 3.87 -10.30 -20.52
N TRP A 214 4.61 -9.80 -21.52
CA TRP A 214 4.46 -10.24 -22.92
C TRP A 214 4.72 -11.74 -23.02
N GLU A 215 5.77 -12.24 -22.39
CA GLU A 215 6.12 -13.67 -22.48
C GLU A 215 4.99 -14.52 -21.93
N VAL A 216 4.37 -14.08 -20.84
CA VAL A 216 3.29 -14.84 -20.16
C VAL A 216 2.03 -14.75 -21.01
N ALA A 217 1.67 -13.57 -21.48
CA ALA A 217 0.39 -13.32 -22.19
C ALA A 217 0.35 -14.16 -23.46
N ARG A 218 1.48 -14.34 -24.11
CA ARG A 218 1.53 -15.18 -25.33
C ARG A 218 0.99 -16.60 -25.05
N ARG A 219 1.16 -17.10 -23.84
CA ARG A 219 0.82 -18.49 -23.49
C ARG A 219 -0.61 -18.58 -22.95
N MET A 220 -1.34 -17.49 -22.88
CA MET A 220 -2.77 -17.46 -22.46
C MET A 220 -3.62 -17.82 -23.69
N VAL A 221 -4.44 -18.87 -23.58
CA VAL A 221 -5.31 -19.31 -24.70
C VAL A 221 -6.46 -18.32 -24.85
N SER A 222 -6.84 -17.96 -26.07
CA SER A 222 -8.12 -17.28 -26.33
C SER A 222 -8.65 -17.81 -27.65
N ASN A 223 -9.96 -18.08 -27.71
N ASN A 223 -9.93 -18.16 -27.66
CA ASN A 223 -10.63 -18.58 -28.94
CA ASN A 223 -10.64 -18.56 -28.90
C ASN A 223 -9.81 -19.73 -29.55
C ASN A 223 -9.84 -19.71 -29.55
N GLY A 224 -9.31 -20.64 -28.73
CA GLY A 224 -8.55 -21.82 -29.17
C GLY A 224 -7.17 -21.55 -29.75
N ILE A 225 -6.67 -20.34 -29.55
CA ILE A 225 -5.38 -19.89 -30.15
C ILE A 225 -4.42 -19.61 -28.98
N VAL A 226 -3.17 -19.96 -29.21
CA VAL A 226 -2.07 -19.60 -28.28
C VAL A 226 -0.80 -19.40 -29.09
N GLU A 227 0.10 -18.51 -28.65
CA GLU A 227 1.43 -18.45 -29.27
C GLU A 227 2.37 -19.44 -28.59
N ASP A 228 3.35 -19.93 -29.33
CA ASP A 228 4.46 -20.73 -28.78
C ASP A 228 5.25 -19.84 -27.81
N TYR A 229 5.89 -20.45 -26.83
CA TYR A 229 6.83 -19.69 -25.97
C TYR A 229 7.97 -19.17 -26.85
N LYS A 230 8.23 -17.88 -26.69
CA LYS A 230 9.44 -17.25 -27.26
C LYS A 230 9.93 -16.25 -26.24
N PRO A 231 11.25 -15.99 -26.24
CA PRO A 231 11.79 -14.95 -25.41
C PRO A 231 11.60 -13.62 -26.09
N PRO A 232 11.65 -12.51 -25.32
CA PRO A 232 11.49 -11.18 -25.92
C PRO A 232 12.54 -10.96 -27.03
N PHE A 233 12.08 -10.37 -28.12
CA PHE A 233 12.96 -10.01 -29.26
C PHE A 233 13.51 -11.21 -30.01
N TYR A 234 12.88 -12.37 -29.85
CA TYR A 234 13.36 -13.62 -30.50
C TYR A 234 13.43 -13.47 -32.02
N ASP A 235 12.67 -12.58 -32.58
CA ASP A 235 12.52 -12.42 -34.04
C ASP A 235 13.48 -11.38 -34.59
N VAL A 236 14.19 -10.64 -33.74
CA VAL A 236 15.04 -9.52 -34.24
C VAL A 236 16.48 -9.56 -33.75
N VAL A 237 16.85 -10.43 -32.81
CA VAL A 237 18.24 -10.52 -32.32
C VAL A 237 18.62 -11.99 -32.29
N PRO A 238 19.91 -12.29 -32.35
CA PRO A 238 20.37 -13.67 -32.17
C PRO A 238 20.23 -14.20 -30.75
N ASN A 239 20.41 -15.51 -30.57
CA ASN A 239 20.70 -16.02 -29.21
C ASN A 239 21.91 -15.29 -28.65
N ASP A 240 21.97 -15.05 -27.34
CA ASP A 240 23.08 -14.33 -26.69
C ASP A 240 23.39 -13.07 -27.48
N PRO A 241 22.36 -12.20 -27.62
CA PRO A 241 22.53 -10.98 -28.38
C PRO A 241 23.62 -10.10 -27.76
N SER A 242 24.36 -9.40 -28.62
CA SER A 242 25.34 -8.44 -28.09
C SER A 242 24.66 -7.19 -27.56
N PHE A 243 25.39 -6.41 -26.81
CA PHE A 243 24.97 -5.08 -26.40
C PHE A 243 24.55 -4.27 -27.62
N GLU A 244 25.38 -4.27 -28.66
N GLU A 244 25.36 -4.24 -28.68
CA GLU A 244 25.12 -3.50 -29.90
CA GLU A 244 25.04 -3.45 -29.90
C GLU A 244 23.86 -4.01 -30.59
C GLU A 244 23.79 -4.00 -30.59
N ASP A 245 23.65 -5.33 -30.63
CA ASP A 245 22.45 -5.93 -31.27
C ASP A 245 21.20 -5.35 -30.58
N MET A 246 21.23 -5.36 -29.25
CA MET A 246 20.08 -4.85 -28.46
C MET A 246 19.91 -3.34 -28.66
N ARG A 247 21.00 -2.58 -28.65
CA ARG A 247 20.91 -1.12 -28.79
C ARG A 247 20.28 -0.76 -30.14
N LYS A 248 20.66 -1.46 -31.20
CA LYS A 248 20.09 -1.14 -32.53
CA LYS A 248 20.08 -1.14 -32.52
C LYS A 248 18.58 -1.38 -32.53
N VAL A 249 18.12 -2.49 -31.95
CA VAL A 249 16.67 -2.83 -31.97
C VAL A 249 15.93 -1.81 -31.09
N VAL A 250 16.37 -1.68 -29.85
CA VAL A 250 15.56 -1.01 -28.81
C VAL A 250 15.72 0.50 -28.86
N CYS A 251 16.92 0.98 -29.18
CA CYS A 251 17.27 2.43 -29.11
C CYS A 251 17.17 3.04 -30.50
N VAL A 252 17.84 2.46 -31.46
CA VAL A 252 17.97 3.14 -32.77
C VAL A 252 16.66 2.95 -33.52
N ASP A 253 16.21 1.72 -33.69
CA ASP A 253 14.96 1.46 -34.44
C ASP A 253 13.72 1.55 -33.56
N GLN A 254 13.88 1.54 -32.23
CA GLN A 254 12.75 1.68 -31.26
C GLN A 254 11.69 0.60 -31.51
N GLN A 255 12.13 -0.62 -31.79
CA GLN A 255 11.23 -1.78 -31.89
C GLN A 255 10.74 -2.17 -30.49
N ARG A 256 9.56 -2.77 -30.50
CA ARG A 256 8.91 -3.35 -29.30
C ARG A 256 8.34 -4.71 -29.69
N PRO A 257 8.16 -5.61 -28.71
CA PRO A 257 7.59 -6.91 -29.02
C PRO A 257 6.24 -6.75 -29.72
N ASN A 258 5.97 -7.63 -30.65
N ASN A 258 5.98 -7.67 -30.65
CA ASN A 258 4.73 -7.54 -31.45
CA ASN A 258 4.75 -7.78 -31.47
C ASN A 258 3.56 -8.11 -30.65
C ASN A 258 3.54 -8.12 -30.58
N ILE A 259 2.43 -7.42 -30.77
CA ILE A 259 1.12 -7.85 -30.18
C ILE A 259 0.32 -8.55 -31.29
N PRO A 260 0.04 -9.86 -31.17
CA PRO A 260 -0.71 -10.58 -32.20
C PRO A 260 -2.13 -10.06 -32.33
N ASN A 261 -2.67 -10.11 -33.53
CA ASN A 261 -4.06 -9.66 -33.74
C ASN A 261 -5.04 -10.41 -32.83
N ARG A 262 -4.84 -11.69 -32.60
CA ARG A 262 -5.81 -12.52 -31.83
C ARG A 262 -5.98 -11.98 -30.42
N TRP A 263 -5.03 -11.23 -29.88
CA TRP A 263 -5.22 -10.65 -28.53
C TRP A 263 -6.42 -9.69 -28.53
N PHE A 264 -6.69 -8.97 -29.63
CA PHE A 264 -7.68 -7.89 -29.67
C PHE A 264 -9.10 -8.45 -29.74
N SER A 265 -9.26 -9.76 -29.86
CA SER A 265 -10.59 -10.44 -29.68
C SER A 265 -10.84 -10.79 -28.22
N ASP A 266 -9.86 -10.67 -27.33
CA ASP A 266 -9.98 -11.13 -25.93
C ASP A 266 -9.85 -9.94 -25.00
N PRO A 267 -10.81 -9.63 -24.10
CA PRO A 267 -10.71 -8.44 -23.30
C PRO A 267 -9.47 -8.45 -22.38
N THR A 268 -9.10 -9.60 -21.83
CA THR A 268 -7.96 -9.69 -20.88
C THR A 268 -6.67 -9.35 -21.66
N LEU A 269 -6.47 -9.99 -22.79
CA LEU A 269 -5.20 -9.75 -23.56
C LEU A 269 -5.20 -8.34 -24.15
N THR A 270 -6.35 -7.78 -24.49
CA THR A 270 -6.44 -6.37 -24.94
C THR A 270 -5.95 -5.46 -23.82
N SER A 271 -6.43 -5.66 -22.58
CA SER A 271 -5.99 -4.88 -21.41
C SER A 271 -4.50 -5.11 -21.13
N LEU A 272 -4.03 -6.35 -21.23
CA LEU A 272 -2.60 -6.64 -20.97
C LEU A 272 -1.71 -5.98 -22.04
N ALA A 273 -2.13 -5.95 -23.30
CA ALA A 273 -1.36 -5.27 -24.36
C ALA A 273 -1.20 -3.79 -24.03
N LYS A 274 -2.26 -3.13 -23.57
CA LYS A 274 -2.19 -1.72 -23.19
C LYS A 274 -1.22 -1.54 -22.04
N LEU A 275 -1.27 -2.45 -21.06
CA LEU A 275 -0.39 -2.36 -19.89
C LEU A 275 1.07 -2.49 -20.33
N MET A 276 1.37 -3.46 -21.14
CA MET A 276 2.76 -3.72 -21.54
C MET A 276 3.28 -2.50 -22.34
N LYS A 277 2.45 -1.84 -23.13
N LYS A 277 2.46 -1.92 -23.25
CA LYS A 277 2.92 -0.66 -23.89
CA LYS A 277 2.81 -0.66 -23.99
C LYS A 277 3.18 0.51 -22.90
C LYS A 277 3.32 0.38 -23.00
N GLU A 278 2.54 0.53 -21.73
N GLU A 278 2.62 0.52 -21.86
CA GLU A 278 2.83 1.60 -20.76
CA GLU A 278 2.85 1.59 -20.85
C GLU A 278 4.03 1.25 -19.88
C GLU A 278 4.04 1.26 -19.94
N CYS A 279 4.63 0.08 -20.11
CA CYS A 279 5.93 -0.28 -19.47
C CYS A 279 7.09 -0.02 -20.45
N TRP A 280 6.81 0.28 -21.71
CA TRP A 280 7.85 0.28 -22.78
C TRP A 280 8.08 1.64 -23.38
N TYR A 281 7.59 2.69 -22.77
CA TYR A 281 7.89 4.06 -23.29
C TYR A 281 9.41 4.25 -23.33
N GLN A 282 9.91 4.90 -24.40
CA GLN A 282 11.34 5.31 -24.48
CA GLN A 282 11.33 5.31 -24.49
C GLN A 282 11.68 6.19 -23.28
N ASN A 283 10.81 7.12 -22.94
CA ASN A 283 10.99 8.07 -21.84
C ASN A 283 10.72 7.30 -20.55
N PRO A 284 11.75 7.02 -19.75
CA PRO A 284 11.58 6.21 -18.54
C PRO A 284 10.53 6.78 -17.59
N SER A 285 10.43 8.12 -17.48
CA SER A 285 9.52 8.74 -16.51
C SER A 285 8.06 8.60 -16.95
N ALA A 286 7.75 8.20 -18.19
CA ALA A 286 6.37 7.98 -18.70
C ALA A 286 5.87 6.59 -18.30
N ARG A 287 6.78 5.68 -17.92
CA ARG A 287 6.37 4.30 -17.63
C ARG A 287 5.53 4.26 -16.34
N LEU A 288 4.61 3.32 -16.31
CA LEU A 288 3.75 3.03 -15.13
C LEU A 288 4.67 2.65 -13.97
N THR A 289 4.21 2.89 -12.76
CA THR A 289 4.83 2.39 -11.54
C THR A 289 4.28 0.99 -11.23
N ALA A 290 5.05 0.21 -10.45
CA ALA A 290 4.58 -1.14 -10.09
C ALA A 290 3.22 -1.05 -9.36
N LEU A 291 3.06 -0.03 -8.52
CA LEU A 291 1.74 0.11 -7.80
C LEU A 291 0.62 0.39 -8.78
N ARG A 292 0.86 1.20 -9.81
CA ARG A 292 -0.21 1.46 -10.80
C ARG A 292 -0.50 0.18 -11.61
N ILE A 293 0.54 -0.58 -11.95
CA ILE A 293 0.34 -1.89 -12.64
C ILE A 293 -0.56 -2.79 -11.78
N LYS A 294 -0.28 -2.88 -10.47
CA LYS A 294 -1.13 -3.73 -9.60
C LYS A 294 -2.59 -3.29 -9.69
N LYS A 295 -2.81 -1.99 -9.55
CA LYS A 295 -4.19 -1.48 -9.58
C LYS A 295 -4.86 -1.86 -10.90
N THR A 296 -4.18 -1.61 -12.02
CA THR A 296 -4.73 -1.96 -13.35
C THR A 296 -5.05 -3.45 -13.41
N LEU A 297 -4.16 -4.31 -12.93
CA LEU A 297 -4.38 -5.76 -13.00
C LEU A 297 -5.57 -6.18 -12.13
N THR A 298 -5.79 -5.54 -11.00
CA THR A 298 -6.94 -5.92 -10.13
C THR A 298 -8.27 -5.53 -10.77
N LYS A 299 -8.30 -4.59 -11.72
CA LYS A 299 -9.53 -4.16 -12.41
C LYS A 299 -9.73 -4.95 -13.71
N ILE A 300 -8.83 -5.86 -14.08
CA ILE A 300 -9.01 -6.72 -15.29
C ILE A 300 -9.76 -7.97 -14.87
N ASP A 301 -10.86 -8.29 -15.58
CA ASP A 301 -11.81 -9.41 -15.29
C ASP A 301 -12.41 -9.22 -13.89
N ASP B 9 -1.02 24.69 37.24
CA ASP B 9 -1.01 23.41 38.03
C ASP B 9 -2.02 22.44 37.39
N ILE B 10 -1.62 21.19 37.14
CA ILE B 10 -2.56 20.13 36.68
C ILE B 10 -2.42 18.94 37.61
N THR B 11 -3.54 18.33 38.01
CA THR B 11 -3.54 17.06 38.76
C THR B 11 -4.05 15.94 37.86
N LEU B 12 -3.24 14.90 37.61
CA LEU B 12 -3.68 13.72 36.82
C LEU B 12 -4.48 12.80 37.75
N LEU B 13 -5.72 12.53 37.38
CA LEU B 13 -6.68 11.82 38.28
C LEU B 13 -6.90 10.38 37.84
N GLU B 14 -7.21 10.13 36.57
CA GLU B 14 -7.34 8.72 36.10
C GLU B 14 -7.04 8.58 34.62
N CYS B 15 -6.52 7.42 34.27
CA CYS B 15 -6.24 7.09 32.87
C CYS B 15 -7.55 6.71 32.19
N VAL B 16 -7.91 7.40 31.10
CA VAL B 16 -9.16 7.09 30.35
C VAL B 16 -8.80 6.44 29.01
N GLY B 17 -7.52 6.15 28.75
CA GLY B 17 -7.13 5.48 27.51
C GLY B 17 -5.64 5.22 27.46
N LYS B 18 -5.25 4.08 26.93
CA LYS B 18 -3.82 3.69 26.83
C LYS B 18 -3.72 2.84 25.59
N GLY B 19 -2.71 3.10 24.76
CA GLY B 19 -2.49 2.36 23.52
C GLY B 19 -1.11 2.63 22.99
N ARG B 20 -0.89 2.28 21.73
CA ARG B 20 0.38 2.56 21.02
C ARG B 20 0.58 4.09 20.91
N TYR B 21 -0.49 4.90 20.90
CA TYR B 21 -0.42 6.40 20.79
C TYR B 21 0.26 6.98 22.05
N GLY B 22 0.16 6.29 23.17
CA GLY B 22 0.45 6.88 24.48
C GLY B 22 -0.75 6.69 25.39
N GLU B 23 -1.10 7.72 26.13
CA GLU B 23 -2.09 7.60 27.20
C GLU B 23 -2.85 8.90 27.29
N VAL B 24 -4.12 8.84 27.65
CA VAL B 24 -4.89 10.04 27.96
C VAL B 24 -5.36 9.94 29.40
N TRP B 25 -5.24 11.03 30.10
CA TRP B 25 -5.67 11.17 31.51
C TRP B 25 -6.76 12.20 31.63
N ARG B 26 -7.69 11.93 32.51
CA ARG B 26 -8.56 12.98 33.04
C ARG B 26 -7.77 13.66 34.14
N GLY B 27 -7.65 14.99 34.06
CA GLY B 27 -6.95 15.78 35.08
C GLY B 27 -7.81 16.91 35.56
N SER B 28 -7.40 17.57 36.65
CA SER B 28 -8.05 18.80 37.13
C SER B 28 -7.10 19.98 36.91
N TRP B 29 -7.61 21.10 36.40
CA TRP B 29 -6.87 22.38 36.14
C TRP B 29 -7.82 23.55 36.34
N GLN B 30 -7.43 24.53 37.18
CA GLN B 30 -8.29 25.65 37.60
C GLN B 30 -9.68 25.09 37.94
N GLY B 31 -9.73 24.01 38.72
CA GLY B 31 -10.99 23.38 39.18
C GLY B 31 -11.87 22.83 38.08
N GLU B 32 -11.36 22.67 36.84
CA GLU B 32 -12.09 22.11 35.68
C GLU B 32 -11.45 20.78 35.27
N ASN B 33 -12.24 19.82 34.79
CA ASN B 33 -11.69 18.60 34.15
C ASN B 33 -11.00 19.05 32.87
N VAL B 34 -9.84 18.46 32.62
CA VAL B 34 -9.11 18.62 31.34
C VAL B 34 -8.68 17.24 30.92
N ALA B 35 -8.40 17.06 29.62
CA ALA B 35 -7.78 15.84 29.11
C ALA B 35 -6.30 16.09 28.86
N VAL B 36 -5.46 15.17 29.33
CA VAL B 36 -3.99 15.29 29.18
C VAL B 36 -3.53 14.06 28.43
N LYS B 37 -3.07 14.28 27.19
CA LYS B 37 -2.50 13.19 26.39
C LYS B 37 -0.97 13.24 26.53
N ILE B 38 -0.42 12.10 26.90
CA ILE B 38 1.04 11.92 26.97
C ILE B 38 1.42 11.00 25.82
N PHE B 39 2.14 11.52 24.84
CA PHE B 39 2.41 10.77 23.59
C PHE B 39 3.49 9.73 23.85
N SER B 40 3.40 8.62 23.14
CA SER B 40 4.50 7.65 23.11
C SER B 40 5.67 8.30 22.36
N SER B 41 6.88 7.95 22.74
CA SER B 41 8.10 8.51 22.08
C SER B 41 8.08 8.12 20.59
N ARG B 42 7.45 7.01 20.25
CA ARG B 42 7.30 6.50 18.86
C ARG B 42 6.45 7.47 18.02
N ASP B 43 5.70 8.36 18.66
N ASP B 43 5.63 8.32 18.67
CA ASP B 43 4.70 9.18 17.94
CA ASP B 43 4.64 9.21 18.00
C ASP B 43 4.99 10.67 18.11
C ASP B 43 5.07 10.69 18.12
N GLU B 44 6.26 11.03 18.25
N GLU B 44 6.37 10.96 18.34
CA GLU B 44 6.69 12.42 18.52
CA GLU B 44 6.96 12.31 18.43
C GLU B 44 6.36 13.29 17.30
C GLU B 44 6.41 13.23 17.33
N LYS B 45 6.33 12.75 16.09
CA LYS B 45 6.01 13.61 14.94
C LYS B 45 4.51 13.98 14.95
N SER B 46 3.65 13.14 15.49
CA SER B 46 2.23 13.50 15.67
C SER B 46 2.09 14.63 16.68
N TRP B 47 2.81 14.56 17.77
CA TRP B 47 2.74 15.63 18.78
C TRP B 47 3.09 16.97 18.11
N PHE B 48 4.17 17.01 17.37
CA PHE B 48 4.63 18.29 16.78
C PHE B 48 3.62 18.78 15.75
N ARG B 49 3.08 17.88 14.93
CA ARG B 49 2.12 18.28 13.89
C ARG B 49 0.86 18.84 14.54
N GLU B 50 0.38 18.18 15.59
CA GLU B 50 -0.85 18.61 16.28
C GLU B 50 -0.61 19.99 16.87
N THR B 51 0.59 20.23 17.39
CA THR B 51 1.00 21.54 17.96
C THR B 51 1.02 22.60 16.85
N GLU B 52 1.58 22.30 15.69
CA GLU B 52 1.55 23.25 14.53
C GLU B 52 0.09 23.57 14.20
N LEU B 53 -0.81 22.57 14.16
CA LEU B 53 -2.22 22.82 13.78
C LEU B 53 -2.90 23.72 14.83
N TYR B 54 -2.68 23.47 16.11
CA TYR B 54 -3.37 24.22 17.18
C TYR B 54 -2.78 25.63 17.36
N ASN B 55 -1.65 25.92 16.74
CA ASN B 55 -1.12 27.32 16.72
C ASN B 55 -2.12 28.26 16.03
N THR B 56 -2.99 27.71 15.17
CA THR B 56 -3.93 28.53 14.35
C THR B 56 -5.11 28.98 15.21
N VAL B 57 -5.19 30.26 15.59
CA VAL B 57 -6.32 30.76 16.42
C VAL B 57 -7.67 30.48 15.72
N MET B 58 -7.78 30.66 14.40
CA MET B 58 -9.08 30.46 13.71
C MET B 58 -9.42 28.99 13.43
N LEU B 59 -8.61 28.05 13.92
CA LEU B 59 -9.03 26.63 13.95
C LEU B 59 -10.19 26.44 14.92
N ARG B 60 -10.27 27.21 16.01
CA ARG B 60 -11.27 27.03 17.08
C ARG B 60 -12.68 26.94 16.48
N HIS B 61 -13.44 25.95 16.94
CA HIS B 61 -14.79 25.66 16.39
C HIS B 61 -15.49 24.74 17.37
N GLU B 62 -16.82 24.87 17.46
CA GLU B 62 -17.63 24.04 18.36
C GLU B 62 -17.44 22.56 18.06
N ASN B 63 -17.10 22.20 16.83
CA ASN B 63 -17.03 20.76 16.44
C ASN B 63 -15.56 20.33 16.21
N ILE B 64 -14.60 21.03 16.77
CA ILE B 64 -13.17 20.63 16.81
C ILE B 64 -12.75 20.62 18.28
N LEU B 65 -12.08 19.57 18.72
CA LEU B 65 -11.62 19.46 20.11
C LEU B 65 -10.80 20.70 20.49
N GLY B 66 -11.20 21.33 21.60
CA GLY B 66 -10.61 22.60 22.06
C GLY B 66 -9.27 22.41 22.76
N PHE B 67 -8.28 23.11 22.27
CA PHE B 67 -6.90 23.13 22.74
C PHE B 67 -6.73 24.05 23.97
N ILE B 68 -6.01 23.60 24.97
CA ILE B 68 -5.56 24.44 26.11
C ILE B 68 -4.05 24.67 26.04
N ALA B 69 -3.23 23.62 25.96
CA ALA B 69 -1.76 23.84 25.95
C ALA B 69 -1.09 22.63 25.32
N SER B 70 0.15 22.82 24.85
CA SER B 70 1.02 21.75 24.34
C SER B 70 2.39 21.95 24.97
N ASP B 71 3.00 20.88 25.39
CA ASP B 71 4.33 20.99 26.03
C ASP B 71 5.23 19.89 25.57
N MET B 72 6.49 20.25 25.35
CA MET B 72 7.56 19.27 25.30
C MET B 72 8.50 19.55 26.47
N THR B 73 8.75 18.59 27.33
CA THR B 73 9.57 18.78 28.54
C THR B 73 10.71 17.79 28.50
N SER B 74 11.87 18.19 29.02
CA SER B 74 12.97 17.22 29.07
C SER B 74 13.94 17.57 30.20
N ARG B 75 14.46 16.54 30.80
CA ARG B 75 15.68 16.58 31.63
C ARG B 75 16.53 15.38 31.25
N HIS B 76 17.83 15.60 31.11
CA HIS B 76 18.77 14.53 30.72
C HIS B 76 18.29 13.94 29.39
N SER B 77 18.15 12.63 29.27
CA SER B 77 17.87 12.02 27.94
C SER B 77 16.39 11.69 27.79
N SER B 78 15.54 12.09 28.73
CA SER B 78 14.10 11.72 28.81
C SER B 78 13.31 12.91 28.27
N THR B 79 12.37 12.69 27.35
CA THR B 79 11.48 13.75 26.85
C THR B 79 10.04 13.32 27.10
N GLN B 80 9.20 14.23 27.55
CA GLN B 80 7.74 14.00 27.63
C GLN B 80 7.05 14.98 26.68
N LEU B 81 6.00 14.47 26.05
CA LEU B 81 5.22 15.25 25.09
C LEU B 81 3.77 15.26 25.52
N TRP B 82 3.24 16.43 25.79
CA TRP B 82 1.92 16.63 26.39
C TRP B 82 1.02 17.42 25.47
N LEU B 83 -0.26 17.02 25.38
CA LEU B 83 -1.31 17.88 24.78
C LEU B 83 -2.43 17.97 25.79
N ILE B 84 -2.85 19.18 26.11
CA ILE B 84 -3.95 19.39 27.09
C ILE B 84 -5.11 20.01 26.34
N THR B 85 -6.29 19.39 26.47
CA THR B 85 -7.52 19.84 25.81
C THR B 85 -8.68 19.88 26.80
N HIS B 86 -9.79 20.37 26.31
CA HIS B 86 -11.10 20.18 26.96
C HIS B 86 -11.37 18.67 27.11
N TYR B 87 -12.10 18.33 28.16
CA TYR B 87 -12.41 16.93 28.55
C TYR B 87 -13.90 16.70 28.23
N HIS B 88 -14.22 15.59 27.57
CA HIS B 88 -15.60 15.21 27.21
C HIS B 88 -15.93 13.89 27.90
N GLU B 89 -16.63 13.97 29.05
CA GLU B 89 -16.79 12.80 29.93
C GLU B 89 -17.63 11.71 29.25
N MET B 90 -18.43 12.04 28.24
CA MET B 90 -19.20 11.01 27.49
C MET B 90 -18.30 10.18 26.60
N GLY B 91 -17.03 10.58 26.42
CA GLY B 91 -16.07 9.77 25.66
C GLY B 91 -16.26 9.89 24.15
N SER B 92 -15.70 8.93 23.42
CA SER B 92 -15.71 8.99 21.95
C SER B 92 -17.06 8.49 21.43
N LEU B 93 -17.33 8.86 20.18
CA LEU B 93 -18.49 8.34 19.46
C LEU B 93 -18.46 6.81 19.41
N TYR B 94 -17.29 6.22 19.24
CA TYR B 94 -17.10 4.76 19.25
C TYR B 94 -17.61 4.17 20.56
N ASP B 95 -17.23 4.79 21.67
CA ASP B 95 -17.68 4.31 23.01
C ASP B 95 -19.19 4.50 23.11
N TYR B 96 -19.69 5.66 22.71
CA TYR B 96 -21.08 6.06 22.92
C TYR B 96 -22.04 5.13 22.17
N LEU B 97 -21.71 4.82 20.91
CA LEU B 97 -22.59 4.02 20.05
C LEU B 97 -22.69 2.60 20.56
N GLN B 98 -21.80 2.15 21.41
CA GLN B 98 -21.91 0.73 21.85
C GLN B 98 -22.97 0.63 22.93
N LEU B 99 -23.37 1.72 23.54
CA LEU B 99 -24.22 1.58 24.76
C LEU B 99 -25.52 2.36 24.63
N THR B 100 -25.81 2.94 23.46
CA THR B 100 -26.97 3.82 23.20
CA THR B 100 -27.12 3.61 23.28
C THR B 100 -27.50 3.51 21.81
N THR B 101 -28.80 3.52 21.65
CA THR B 101 -29.42 3.69 20.34
C THR B 101 -29.82 5.15 20.20
N LEU B 102 -30.17 5.51 18.97
CA LEU B 102 -30.45 6.92 18.59
C LEU B 102 -31.84 7.04 18.03
N ASP B 103 -32.45 8.18 18.23
CA ASP B 103 -33.64 8.55 17.46
C ASP B 103 -33.22 9.42 16.30
N THR B 104 -34.15 9.79 15.45
CA THR B 104 -33.86 10.55 14.22
C THR B 104 -33.14 11.84 14.59
N VAL B 105 -33.68 12.57 15.55
CA VAL B 105 -33.17 13.89 15.95
C VAL B 105 -31.72 13.74 16.41
N SER B 106 -31.42 12.77 17.26
N SER B 106 -31.41 12.76 17.25
CA SER B 106 -30.06 12.59 17.81
CA SER B 106 -30.07 12.57 17.85
C SER B 106 -29.11 12.11 16.70
C SER B 106 -29.08 11.99 16.84
N CYS B 107 -29.56 11.18 15.88
CA CYS B 107 -28.70 10.68 14.78
C CYS B 107 -28.30 11.86 13.89
N LEU B 108 -29.26 12.68 13.45
CA LEU B 108 -28.95 13.80 12.53
C LEU B 108 -28.09 14.87 13.23
N ARG B 109 -28.34 15.14 14.50
CA ARG B 109 -27.55 16.09 15.27
C ARG B 109 -26.08 15.64 15.26
N ILE B 110 -25.84 14.38 15.53
CA ILE B 110 -24.46 13.85 15.60
C ILE B 110 -23.83 14.00 14.21
N VAL B 111 -24.47 13.49 13.18
CA VAL B 111 -23.76 13.46 11.88
C VAL B 111 -23.61 14.88 11.29
N LEU B 112 -24.59 15.76 11.48
CA LEU B 112 -24.45 17.15 11.02
C LEU B 112 -23.30 17.81 11.79
N SER B 113 -23.17 17.55 13.08
CA SER B 113 -22.08 18.20 13.85
C SER B 113 -20.73 17.76 13.27
N ILE B 114 -20.60 16.49 12.91
CA ILE B 114 -19.30 15.99 12.40
C ILE B 114 -19.06 16.62 11.03
N ALA B 115 -20.09 16.72 10.20
CA ALA B 115 -19.99 17.36 8.89
C ALA B 115 -19.58 18.82 9.05
N SER B 116 -20.13 19.49 10.06
N SER B 116 -20.11 19.46 10.07
CA SER B 116 -19.82 20.91 10.27
CA SER B 116 -19.84 20.89 10.33
C SER B 116 -18.35 21.05 10.67
C SER B 116 -18.36 21.05 10.70
N GLY B 117 -17.86 20.20 11.58
CA GLY B 117 -16.43 20.20 11.95
C GLY B 117 -15.55 19.92 10.74
N LEU B 118 -15.94 18.95 9.92
CA LEU B 118 -15.09 18.55 8.78
C LEU B 118 -15.08 19.65 7.72
N ALA B 119 -16.22 20.26 7.44
CA ALA B 119 -16.29 21.39 6.49
C ALA B 119 -15.48 22.55 7.02
N HIS B 120 -15.51 22.81 8.31
CA HIS B 120 -14.67 23.84 8.94
C HIS B 120 -13.20 23.53 8.70
N LEU B 121 -12.79 22.30 8.92
CA LEU B 121 -11.38 21.91 8.61
C LEU B 121 -11.09 22.15 7.14
N HIS B 122 -11.90 21.61 6.25
CA HIS B 122 -11.55 21.56 4.81
C HIS B 122 -11.52 22.95 4.19
N ILE B 123 -12.34 23.88 4.68
CA ILE B 123 -12.53 25.21 3.99
C ILE B 123 -11.54 26.22 4.56
N GLU B 124 -10.77 26.85 3.67
CA GLU B 124 -9.79 27.89 4.07
C GLU B 124 -10.55 29.14 4.54
N ILE B 125 -10.05 29.79 5.59
CA ILE B 125 -10.48 31.14 6.06
C ILE B 125 -9.32 32.11 5.78
N PHE B 126 -9.64 33.24 5.18
CA PHE B 126 -8.67 34.28 4.71
C PHE B 126 -8.59 35.45 5.69
N GLY B 130 -6.30 33.99 10.12
CA GLY B 130 -6.76 33.05 9.07
C GLY B 130 -6.56 31.59 9.45
N LYS B 131 -7.11 30.68 8.66
CA LYS B 131 -6.93 29.22 8.87
C LYS B 131 -6.72 28.60 7.49
N PRO B 132 -5.62 27.88 7.28
CA PRO B 132 -5.46 27.19 6.00
C PRO B 132 -6.60 26.16 5.83
N ALA B 133 -6.82 25.67 4.61
CA ALA B 133 -7.59 24.41 4.40
C ALA B 133 -6.81 23.29 5.09
N ILE B 134 -7.54 22.35 5.72
CA ILE B 134 -6.93 21.26 6.54
C ILE B 134 -7.65 19.97 6.18
N ALA B 135 -6.88 18.94 5.84
CA ALA B 135 -7.40 17.57 5.75
C ALA B 135 -6.88 16.78 6.95
N HIS B 136 -7.75 16.00 7.54
CA HIS B 136 -7.49 15.32 8.83
C HIS B 136 -6.59 14.07 8.68
N ARG B 137 -7.01 13.16 7.80
CA ARG B 137 -6.30 11.92 7.40
C ARG B 137 -6.48 10.78 8.38
N ASP B 138 -7.11 10.96 9.53
CA ASP B 138 -7.39 9.80 10.41
C ASP B 138 -8.77 9.94 11.05
N LEU B 139 -9.75 10.28 10.25
CA LEU B 139 -11.12 10.42 10.76
C LEU B 139 -11.66 9.03 11.06
N LYS B 140 -12.21 8.85 12.26
CA LYS B 140 -12.86 7.57 12.65
C LYS B 140 -13.64 7.83 13.93
N SER B 141 -14.47 6.88 14.34
CA SER B 141 -15.38 7.15 15.48
C SER B 141 -14.60 7.30 16.80
N LYS B 142 -13.40 6.71 16.94
CA LYS B 142 -12.59 6.92 18.17
C LYS B 142 -11.99 8.34 18.20
N ASN B 143 -11.94 9.02 17.07
CA ASN B 143 -11.35 10.38 16.97
C ASN B 143 -12.44 11.46 16.97
N ILE B 144 -13.64 11.09 17.39
CA ILE B 144 -14.80 12.00 17.53
C ILE B 144 -15.28 11.87 18.98
N LEU B 145 -15.38 13.00 19.64
CA LEU B 145 -15.88 13.03 21.03
C LEU B 145 -17.33 13.51 21.05
N VAL B 146 -18.07 12.94 21.99
CA VAL B 146 -19.50 13.29 22.21
C VAL B 146 -19.62 14.30 23.35
N LYS B 147 -20.36 15.36 23.08
CA LYS B 147 -20.56 16.49 24.02
C LYS B 147 -21.98 16.44 24.59
N LYS B 148 -22.12 17.02 25.76
CA LYS B 148 -23.41 16.95 26.51
C LYS B 148 -24.53 17.64 25.74
N ASN B 149 -24.25 18.59 24.83
CA ASN B 149 -25.29 19.19 23.95
C ASN B 149 -25.72 18.30 22.76
N GLY B 150 -25.21 17.08 22.64
CA GLY B 150 -25.61 16.12 21.58
C GLY B 150 -24.87 16.27 20.27
N GLN B 151 -24.02 17.26 20.21
CA GLN B 151 -23.07 17.39 19.10
C GLN B 151 -21.74 16.75 19.46
N CYS B 152 -20.93 16.61 18.44
CA CYS B 152 -19.62 15.95 18.53
C CYS B 152 -18.54 16.96 18.17
N CYS B 153 -17.31 16.60 18.52
CA CYS B 153 -16.16 17.35 18.03
C CYS B 153 -15.07 16.40 17.56
N ILE B 154 -14.41 16.83 16.49
CA ILE B 154 -13.32 16.03 15.87
C ILE B 154 -11.99 16.26 16.59
N ALA B 155 -11.25 15.19 16.84
CA ALA B 155 -9.98 15.18 17.61
C ALA B 155 -8.88 14.55 16.79
N ASP B 156 -7.67 14.82 17.20
CA ASP B 156 -6.41 14.19 16.73
C ASP B 156 -6.02 14.75 15.37
N LEU B 157 -5.26 15.85 15.41
CA LEU B 157 -4.78 16.52 14.21
C LEU B 157 -3.32 16.17 13.93
N GLY B 158 -2.81 15.07 14.48
CA GLY B 158 -1.40 14.67 14.29
C GLY B 158 -1.01 14.28 12.89
N LEU B 159 -1.96 13.92 12.03
CA LEU B 159 -1.66 13.50 10.65
C LEU B 159 -2.12 14.56 9.67
N ALA B 160 -2.61 15.71 10.14
CA ALA B 160 -3.26 16.70 9.25
C ALA B 160 -2.30 17.25 8.18
N VAL B 161 -2.87 17.60 7.05
CA VAL B 161 -2.20 18.30 5.91
C VAL B 161 -2.85 19.68 5.77
N MET B 162 -2.01 20.69 5.50
CA MET B 162 -2.56 22.07 5.38
C MET B 162 -2.29 22.61 3.98
N HIS B 163 -3.19 23.42 3.48
CA HIS B 163 -3.06 24.03 2.14
C HIS B 163 -3.56 25.47 2.16
N SER B 164 -2.82 26.36 1.51
CA SER B 164 -3.25 27.78 1.35
C SER B 164 -3.38 28.07 -0.14
N GLN B 165 -4.59 28.33 -0.59
CA GLN B 165 -4.94 28.59 -2.00
C GLN B 165 -4.30 29.91 -2.41
N SER B 166 -4.30 30.86 -1.47
CA SER B 166 -3.94 32.27 -1.70
C SER B 166 -2.44 32.33 -2.02
N THR B 167 -1.64 31.42 -1.45
CA THR B 167 -0.17 31.45 -1.56
C THR B 167 0.32 30.21 -2.29
N ASN B 168 -0.58 29.32 -2.70
CA ASN B 168 -0.24 28.09 -3.45
C ASN B 168 0.77 27.27 -2.62
N GLN B 169 0.48 27.03 -1.35
CA GLN B 169 1.41 26.23 -0.50
C GLN B 169 0.69 25.02 0.06
N LEU B 170 1.35 23.88 -0.01
CA LEU B 170 0.88 22.59 0.52
C LEU B 170 1.86 22.12 1.57
N ASP B 171 1.40 21.88 2.78
CA ASP B 171 2.28 21.43 3.88
C ASP B 171 1.80 20.04 4.29
N VAL B 172 2.47 19.01 3.81
CA VAL B 172 2.09 17.60 4.11
C VAL B 172 2.75 17.13 5.40
N GLY B 173 3.68 17.91 5.96
CA GLY B 173 4.40 17.51 7.18
C GLY B 173 5.33 16.34 6.93
N ASN B 174 5.86 15.79 8.02
CA ASN B 174 7.02 14.86 7.99
C ASN B 174 6.68 13.50 8.63
N ASN B 175 5.43 13.26 8.93
CA ASN B 175 5.01 12.17 9.85
C ASN B 175 4.81 10.89 9.07
N PRO B 176 5.56 9.81 9.40
CA PRO B 176 5.45 8.54 8.70
C PRO B 176 4.26 7.71 9.16
N ARG B 177 3.55 8.20 10.19
CA ARG B 177 2.26 7.60 10.60
C ARG B 177 1.35 7.52 9.40
N VAL B 178 0.54 6.46 9.33
CA VAL B 178 -0.56 6.37 8.35
C VAL B 178 -1.88 6.26 9.11
N GLY B 179 -2.93 6.50 8.36
CA GLY B 179 -4.30 6.41 8.89
C GLY B 179 -4.64 5.05 9.46
N THR B 180 -5.68 5.01 10.26
CA THR B 180 -6.21 3.75 10.81
C THR B 180 -6.60 2.84 9.66
N LYS B 181 -6.09 1.60 9.65
CA LYS B 181 -6.22 0.78 8.42
C LYS B 181 -7.68 0.55 8.04
N ARG B 182 -8.56 0.31 9.01
CA ARG B 182 -9.96 -0.05 8.72
C ARG B 182 -10.67 1.07 7.95
N TYR B 183 -10.22 2.33 8.12
CA TYR B 183 -10.89 3.51 7.53
C TYR B 183 -10.19 4.04 6.26
N MET B 184 -9.13 3.38 5.83
CA MET B 184 -8.32 3.89 4.69
C MET B 184 -9.08 3.76 3.38
N ALA B 185 -9.11 4.83 2.57
CA ALA B 185 -9.70 4.86 1.23
C ALA B 185 -8.97 3.90 0.28
N PRO B 186 -9.63 3.51 -0.80
CA PRO B 186 -9.02 2.60 -1.78
C PRO B 186 -7.65 3.11 -2.24
N GLU B 187 -7.57 4.41 -2.56
CA GLU B 187 -6.32 5.00 -3.12
C GLU B 187 -5.23 5.06 -2.06
N VAL B 188 -5.57 5.03 -0.77
CA VAL B 188 -4.57 4.91 0.32
C VAL B 188 -4.09 3.45 0.40
N LEU B 189 -5.03 2.51 0.31
CA LEU B 189 -4.67 1.09 0.47
C LEU B 189 -3.89 0.60 -0.76
N ASP B 190 -4.17 1.13 -1.94
CA ASP B 190 -3.45 0.66 -3.15
C ASP B 190 -2.27 1.62 -3.40
N GLU B 191 -2.10 2.65 -2.55
CA GLU B 191 -0.91 3.56 -2.60
C GLU B 191 -0.84 4.28 -3.95
N THR B 192 -1.94 4.50 -4.64
CA THR B 192 -1.96 5.32 -5.87
C THR B 192 -2.35 6.77 -5.58
N ILE B 193 -2.78 7.09 -4.36
CA ILE B 193 -3.11 8.48 -4.00
C ILE B 193 -2.03 9.46 -4.49
N GLN B 194 -2.51 10.60 -4.97
CA GLN B 194 -1.67 11.69 -5.54
C GLN B 194 -1.15 12.53 -4.36
N VAL B 195 0.07 12.30 -3.89
CA VAL B 195 0.52 12.84 -2.56
C VAL B 195 0.79 14.35 -2.61
N ASP B 196 0.86 14.95 -3.79
CA ASP B 196 1.18 16.40 -3.92
C ASP B 196 -0.10 17.17 -4.27
N CYS B 197 -1.26 16.55 -4.09
CA CYS B 197 -2.57 17.12 -4.44
CA CYS B 197 -2.56 17.19 -4.42
C CYS B 197 -3.41 17.28 -3.17
N PHE B 198 -3.68 18.51 -2.73
CA PHE B 198 -4.44 18.70 -1.48
C PHE B 198 -5.81 18.04 -1.61
N ASP B 199 -6.49 18.16 -2.73
CA ASP B 199 -7.86 17.62 -2.87
C ASP B 199 -7.81 16.12 -2.58
N SER B 200 -6.70 15.44 -2.91
CA SER B 200 -6.62 13.99 -2.64
C SER B 200 -6.88 13.73 -1.16
N TYR B 201 -6.29 14.50 -0.27
CA TYR B 201 -6.43 14.26 1.18
C TYR B 201 -7.85 14.58 1.64
N LYS B 202 -8.48 15.62 1.09
CA LYS B 202 -9.89 15.89 1.48
C LYS B 202 -10.75 14.68 1.10
N ARG B 203 -10.49 14.06 -0.06
CA ARG B 203 -11.32 12.95 -0.54
C ARG B 203 -11.09 11.70 0.31
N VAL B 204 -9.93 11.55 0.92
CA VAL B 204 -9.68 10.46 1.90
C VAL B 204 -10.58 10.68 3.12
N ASP B 205 -10.69 11.92 3.58
CA ASP B 205 -11.56 12.26 4.73
C ASP B 205 -13.02 11.94 4.40
N ILE B 206 -13.44 12.21 3.17
CA ILE B 206 -14.84 11.98 2.78
C ILE B 206 -15.16 10.48 2.82
N TRP B 207 -14.26 9.65 2.33
CA TRP B 207 -14.40 8.19 2.43
C TRP B 207 -14.62 7.81 3.89
N ALA B 208 -13.73 8.24 4.76
CA ALA B 208 -13.78 7.86 6.20
C ALA B 208 -15.07 8.39 6.82
N PHE B 209 -15.48 9.60 6.47
CA PHE B 209 -16.74 10.15 7.01
CA PHE B 209 -16.76 10.18 6.97
C PHE B 209 -17.91 9.26 6.59
N GLY B 210 -17.93 8.78 5.34
CA GLY B 210 -18.97 7.83 4.93
C GLY B 210 -19.01 6.63 5.85
N LEU B 211 -17.87 6.10 6.20
CA LEU B 211 -17.84 4.94 7.12
C LEU B 211 -18.43 5.35 8.48
N VAL B 212 -18.08 6.52 9.01
CA VAL B 212 -18.61 6.96 10.31
C VAL B 212 -20.13 7.15 10.20
N LEU B 213 -20.61 7.73 9.09
N LEU B 213 -20.60 7.70 9.09
CA LEU B 213 -22.08 7.86 8.88
CA LEU B 213 -22.05 7.90 8.89
C LEU B 213 -22.72 6.47 9.04
C LEU B 213 -22.77 6.54 8.91
N TRP B 214 -22.16 5.48 8.38
CA TRP B 214 -22.71 4.10 8.42
C TRP B 214 -22.73 3.62 9.86
N GLU B 215 -21.63 3.82 10.62
CA GLU B 215 -21.53 3.32 12.00
C GLU B 215 -22.67 3.94 12.84
N VAL B 216 -22.92 5.21 12.64
CA VAL B 216 -23.95 5.96 13.41
C VAL B 216 -25.34 5.50 12.97
N ALA B 217 -25.59 5.46 11.67
CA ALA B 217 -26.93 5.17 11.15
C ALA B 217 -27.42 3.81 11.60
N ARG B 218 -26.53 2.82 11.73
CA ARG B 218 -26.86 1.48 12.23
C ARG B 218 -27.53 1.58 13.59
N ARG B 219 -27.18 2.57 14.38
CA ARG B 219 -27.67 2.69 15.78
C ARG B 219 -28.93 3.53 15.84
N MET B 220 -29.43 4.03 14.73
CA MET B 220 -30.68 4.81 14.76
C MET B 220 -31.87 3.84 14.63
N VAL B 221 -32.81 3.88 15.56
CA VAL B 221 -33.99 2.96 15.49
C VAL B 221 -34.96 3.44 14.40
N SER B 222 -35.49 2.48 13.66
CA SER B 222 -36.63 2.75 12.75
C SER B 222 -37.55 1.53 12.82
N ASN B 223 -38.85 1.80 12.98
CA ASN B 223 -39.87 0.73 12.95
C ASN B 223 -39.52 -0.38 13.95
N GLY B 224 -38.96 0.00 15.12
CA GLY B 224 -38.65 -0.93 16.20
C GLY B 224 -37.42 -1.79 15.92
N ILE B 225 -36.60 -1.45 14.91
CA ILE B 225 -35.44 -2.31 14.52
C ILE B 225 -34.20 -1.40 14.66
N VAL B 226 -33.11 -1.99 15.11
CA VAL B 226 -31.80 -1.29 15.12
C VAL B 226 -30.74 -2.36 14.90
N GLU B 227 -29.60 -2.00 14.34
CA GLU B 227 -28.46 -2.95 14.26
C GLU B 227 -27.57 -2.80 15.50
N ASP B 228 -26.85 -3.85 15.83
CA ASP B 228 -25.81 -3.78 16.86
C ASP B 228 -24.67 -2.90 16.32
N TYR B 229 -23.95 -2.29 17.22
CA TYR B 229 -22.69 -1.58 16.86
C TYR B 229 -21.76 -2.60 16.22
N LYS B 230 -21.23 -2.21 15.08
CA LYS B 230 -20.09 -2.91 14.45
C LYS B 230 -19.19 -1.87 13.79
N PRO B 231 -17.87 -2.13 13.76
CA PRO B 231 -16.94 -1.27 13.03
C PRO B 231 -17.03 -1.58 11.55
N PRO B 232 -16.63 -0.63 10.69
CA PRO B 232 -16.63 -0.86 9.26
C PRO B 232 -15.83 -2.11 8.89
N PHE B 233 -16.42 -2.88 8.01
CA PHE B 233 -15.86 -4.11 7.40
C PHE B 233 -15.76 -5.22 8.44
N TYR B 234 -16.51 -5.17 9.55
CA TYR B 234 -16.40 -6.17 10.65
C TYR B 234 -16.59 -7.60 10.09
N ASP B 235 -17.39 -7.77 9.06
CA ASP B 235 -17.85 -9.08 8.54
C ASP B 235 -16.85 -9.69 7.55
N VAL B 236 -15.90 -8.91 7.02
CA VAL B 236 -15.10 -9.35 5.85
C VAL B 236 -13.62 -9.40 6.12
N VAL B 237 -13.14 -8.86 7.23
CA VAL B 237 -11.68 -8.89 7.57
C VAL B 237 -11.47 -9.58 8.89
N PRO B 238 -10.24 -10.07 9.14
CA PRO B 238 -9.87 -10.56 10.45
C PRO B 238 -9.99 -9.48 11.53
N ASN B 239 -10.10 -9.92 12.77
CA ASN B 239 -9.80 -9.03 13.92
C ASN B 239 -8.43 -8.35 13.70
N ASP B 240 -8.32 -7.11 14.12
CA ASP B 240 -7.03 -6.42 14.06
C ASP B 240 -6.51 -6.50 12.62
N PRO B 241 -7.30 -6.06 11.63
CA PRO B 241 -6.94 -6.20 10.23
C PRO B 241 -5.64 -5.45 9.87
N SER B 242 -4.84 -6.11 9.07
CA SER B 242 -3.61 -5.53 8.50
C SER B 242 -3.98 -4.61 7.31
N PHE B 243 -3.00 -3.85 6.90
CA PHE B 243 -3.04 -3.04 5.68
C PHE B 243 -3.46 -3.91 4.51
N GLU B 244 -2.82 -5.08 4.37
CA GLU B 244 -3.13 -5.95 3.22
C GLU B 244 -4.53 -6.56 3.34
N ASP B 245 -4.98 -6.86 4.55
CA ASP B 245 -6.36 -7.37 4.78
C ASP B 245 -7.35 -6.36 4.21
N MET B 246 -7.14 -5.08 4.55
CA MET B 246 -8.07 -4.00 4.10
C MET B 246 -7.96 -3.78 2.60
N ARG B 247 -6.73 -3.81 2.08
CA ARG B 247 -6.54 -3.68 0.63
C ARG B 247 -7.33 -4.78 -0.10
N LYS B 248 -7.26 -6.01 0.44
CA LYS B 248 -8.00 -7.11 -0.20
C LYS B 248 -9.47 -6.75 -0.33
N VAL B 249 -10.11 -6.39 0.77
CA VAL B 249 -11.58 -6.26 0.73
C VAL B 249 -11.98 -5.00 -0.05
N VAL B 250 -11.28 -3.89 0.15
CA VAL B 250 -11.69 -2.59 -0.45
C VAL B 250 -11.27 -2.51 -1.92
N CYS B 251 -10.03 -2.88 -2.22
CA CYS B 251 -9.48 -2.68 -3.58
C CYS B 251 -9.72 -3.94 -4.45
N VAL B 252 -9.42 -5.13 -3.96
CA VAL B 252 -9.56 -6.38 -4.78
C VAL B 252 -11.04 -6.74 -4.86
N ASP B 253 -11.71 -6.86 -3.71
CA ASP B 253 -13.09 -7.41 -3.62
C ASP B 253 -14.11 -6.29 -3.87
N GLN B 254 -13.68 -5.03 -3.92
CA GLN B 254 -14.54 -3.83 -4.15
C GLN B 254 -15.68 -3.79 -3.13
N GLN B 255 -15.42 -4.19 -1.89
N GLN B 255 -15.43 -4.22 -1.90
CA GLN B 255 -16.42 -4.25 -0.80
CA GLN B 255 -16.50 -4.25 -0.86
C GLN B 255 -16.75 -2.83 -0.34
C GLN B 255 -16.75 -2.84 -0.35
N ARG B 256 -18.01 -2.61 0.00
CA ARG B 256 -18.45 -1.41 0.74
C ARG B 256 -19.33 -1.90 1.86
N PRO B 257 -19.47 -1.17 2.97
CA PRO B 257 -20.43 -1.60 3.98
C PRO B 257 -21.84 -1.83 3.39
N ASN B 258 -22.47 -2.89 3.91
CA ASN B 258 -23.81 -3.27 3.43
C ASN B 258 -24.84 -2.33 4.07
N ILE B 259 -25.83 -1.96 3.30
CA ILE B 259 -26.97 -1.16 3.80
C ILE B 259 -28.04 -2.13 4.25
N PRO B 260 -28.41 -2.16 5.54
CA PRO B 260 -29.50 -3.01 6.00
C PRO B 260 -30.79 -2.66 5.24
N ASN B 261 -31.55 -3.66 4.79
CA ASN B 261 -32.73 -3.36 3.98
C ASN B 261 -33.78 -2.62 4.82
N ARG B 262 -33.76 -2.75 6.15
CA ARG B 262 -34.78 -2.02 6.97
C ARG B 262 -34.62 -0.51 6.80
N TRP B 263 -33.43 -0.01 6.42
CA TRP B 263 -33.25 1.44 6.25
C TRP B 263 -34.20 2.01 5.21
N PHE B 264 -34.52 1.22 4.19
CA PHE B 264 -35.27 1.74 3.01
C PHE B 264 -36.75 1.98 3.35
N SER B 265 -37.22 1.54 4.53
CA SER B 265 -38.58 1.90 5.02
C SER B 265 -38.59 3.27 5.69
N ASP B 266 -37.41 3.81 6.06
CA ASP B 266 -37.32 5.08 6.82
C ASP B 266 -36.73 6.19 5.94
N PRO B 267 -37.39 7.36 5.79
CA PRO B 267 -36.89 8.38 4.89
C PRO B 267 -35.53 8.92 5.28
N THR B 268 -35.25 9.01 6.57
CA THR B 268 -33.98 9.55 7.08
C THR B 268 -32.85 8.60 6.72
N LEU B 269 -33.04 7.33 7.04
CA LEU B 269 -31.99 6.34 6.76
C LEU B 269 -31.84 6.13 5.26
N THR B 270 -32.91 6.26 4.48
CA THR B 270 -32.80 6.16 3.00
C THR B 270 -31.94 7.33 2.51
N SER B 271 -32.14 8.54 3.01
CA SER B 271 -31.31 9.73 2.66
C SER B 271 -29.86 9.48 3.09
N LEU B 272 -29.66 8.97 4.29
CA LEU B 272 -28.29 8.73 4.77
C LEU B 272 -27.59 7.67 3.93
N ALA B 273 -28.28 6.59 3.57
CA ALA B 273 -27.66 5.54 2.72
C ALA B 273 -27.20 6.18 1.42
N LYS B 274 -28.01 7.05 0.82
CA LYS B 274 -27.64 7.70 -0.44
C LYS B 274 -26.38 8.53 -0.22
N LEU B 275 -26.31 9.21 0.90
N LEU B 275 -26.29 9.27 0.89
CA LEU B 275 -25.19 10.13 1.20
CA LEU B 275 -25.09 10.12 1.17
C LEU B 275 -23.92 9.30 1.42
C LEU B 275 -23.88 9.22 1.31
N MET B 276 -23.98 8.17 2.12
CA MET B 276 -22.75 7.41 2.40
C MET B 276 -22.28 6.76 1.09
N LYS B 277 -23.17 6.32 0.21
CA LYS B 277 -22.74 5.79 -1.10
C LYS B 277 -21.99 6.84 -1.91
N GLU B 278 -22.34 8.11 -1.80
CA GLU B 278 -21.66 9.19 -2.53
C GLU B 278 -20.35 9.61 -1.84
N CYS B 279 -19.99 9.00 -0.72
CA CYS B 279 -18.67 9.14 -0.08
C CYS B 279 -17.74 7.99 -0.49
N TRP B 280 -18.27 6.95 -1.13
CA TRP B 280 -17.56 5.64 -1.30
C TRP B 280 -17.26 5.32 -2.75
N TYR B 281 -17.41 6.26 -3.67
CA TYR B 281 -16.96 6.00 -5.06
C TYR B 281 -15.49 5.62 -5.08
N GLN B 282 -15.07 4.60 -5.88
CA GLN B 282 -13.63 4.32 -6.07
C GLN B 282 -12.99 5.55 -6.71
N ASN B 283 -13.66 6.26 -7.61
CA ASN B 283 -13.09 7.51 -8.23
C ASN B 283 -13.13 8.61 -7.17
N PRO B 284 -12.00 9.05 -6.59
CA PRO B 284 -12.09 10.01 -5.49
C PRO B 284 -12.78 11.31 -5.90
N SER B 285 -12.62 11.74 -7.16
CA SER B 285 -13.19 13.02 -7.63
C SER B 285 -14.73 12.98 -7.75
N ALA B 286 -15.34 11.79 -7.73
CA ALA B 286 -16.80 11.60 -7.75
C ALA B 286 -17.38 11.86 -6.37
N ARG B 287 -16.56 11.74 -5.31
CA ARG B 287 -17.10 11.82 -3.93
C ARG B 287 -17.64 13.24 -3.65
N LEU B 288 -18.65 13.32 -2.80
CA LEU B 288 -19.19 14.63 -2.33
C LEU B 288 -18.10 15.41 -1.59
N THR B 289 -18.26 16.72 -1.52
CA THR B 289 -17.45 17.59 -0.65
C THR B 289 -18.05 17.63 0.76
N ALA B 290 -17.25 18.02 1.74
CA ALA B 290 -17.73 18.19 3.11
C ALA B 290 -18.85 19.24 3.15
N LEU B 291 -18.67 20.32 2.41
CA LEU B 291 -19.71 21.38 2.41
C LEU B 291 -21.02 20.80 1.86
N ARG B 292 -20.99 20.03 0.80
CA ARG B 292 -22.21 19.45 0.20
C ARG B 292 -22.84 18.47 1.20
N ILE B 293 -22.02 17.69 1.92
CA ILE B 293 -22.60 16.78 2.93
C ILE B 293 -23.32 17.62 3.99
N LYS B 294 -22.66 18.66 4.47
CA LYS B 294 -23.25 19.53 5.52
C LYS B 294 -24.58 20.10 5.02
N LYS B 295 -24.61 20.58 3.78
CA LYS B 295 -25.84 21.20 3.22
C LYS B 295 -26.93 20.14 3.10
N THR B 296 -26.61 18.95 2.63
CA THR B 296 -27.58 17.83 2.49
C THR B 296 -28.12 17.45 3.87
N LEU B 297 -27.27 17.28 4.87
CA LEU B 297 -27.75 16.90 6.23
C LEU B 297 -28.61 18.01 6.83
N THR B 298 -28.30 19.27 6.55
CA THR B 298 -29.07 20.42 7.07
C THR B 298 -30.49 20.30 6.52
N LYS B 299 -30.67 19.83 5.29
CA LYS B 299 -32.00 19.76 4.63
C LYS B 299 -32.77 18.49 5.02
N ILE B 300 -32.11 17.40 5.45
CA ILE B 300 -32.73 16.08 5.82
C ILE B 300 -33.44 16.24 7.17
N ASP B 301 -34.61 15.60 7.34
CA ASP B 301 -35.38 15.55 8.62
C ASP B 301 -35.79 14.09 8.89
C10 LU8 C . 14.35 -24.22 -8.06
C10 LU8 C . 14.36 -23.78 -8.55
C13 LU8 C . 14.15 -26.12 -11.43
C13 LU8 C . 14.03 -25.17 -12.13
C15 LU8 C . 13.48 -28.43 -12.04
C15 LU8 C . 13.59 -27.49 -13.04
C17 LU8 C . 12.96 -30.94 -12.23
C17 LU8 C . 14.77 -29.17 -14.52
C20 LU8 C . 11.90 -29.18 -13.77
C20 LU8 C . 12.97 -27.83 -15.44
C21 LU8 C . 12.04 -28.34 -12.50
C21 LU8 C . 13.12 -26.80 -14.32
C22 LU8 C . 13.48 -27.55 -9.66
C22 LU8 C . 13.73 -26.95 -10.58
C24 LU8 C . 15.31 -23.21 -8.11
C24 LU8 C . 15.31 -22.77 -8.45
C26 LU8 C . 16.34 -20.22 -8.06
C26 LU8 C . 16.34 -19.79 -8.04
C01 LU8 C . 19.02 -20.65 -3.85
C01 LU8 C . 18.94 -20.74 -3.89
C03 LU8 C . 18.00 -19.86 -5.88
C03 LU8 C . 18.11 -19.76 -5.91
C04 LU8 C . 17.11 -20.93 -5.90
C04 LU8 C . 17.21 -20.82 -6.05
C05 LU8 C . 16.28 -21.12 -6.99
C05 LU8 C . 16.33 -20.85 -7.13
C06 LU8 C . 15.33 -22.26 -7.05
C06 LU8 C . 15.33 -21.96 -7.32
C07 LU8 C . 14.41 -22.34 -6.03
C07 LU8 C . 14.41 -22.19 -6.29
C09 LU8 C . 13.46 -24.22 -6.99
C09 LU8 C . 13.46 -23.94 -7.50
C11 LU8 C . 14.15 -25.31 -9.10
C11 LU8 C . 14.19 -24.73 -9.74
C12 LU8 C . 14.35 -25.10 -10.46
C12 LU8 C . 14.22 -24.28 -11.05
C14 LU8 C . 13.71 -27.36 -11.02
C14 LU8 C . 13.80 -26.51 -11.90
C16 LU8 C . 13.82 -29.85 -11.56
C16 LU8 C . 14.91 -28.25 -13.30
C19 LU8 C . 13.03 -31.14 -14.72
C19 LU8 C . 15.14 -27.27 -16.07
C23 LU8 C . 13.72 -26.56 -8.71
C23 LU8 C . 13.92 -26.07 -9.51
C25 LU8 C . 16.38 -23.12 -9.18
C25 LU8 C . 16.36 -22.57 -9.52
C27 LU8 C . 17.23 -19.15 -8.02
C27 LU8 C . 17.25 -18.74 -7.90
C29 LU8 C . 16.40 -18.19 -10.11
C29 LU8 C . 16.76 -17.77 -10.07
C30 LU8 C . 18.08 -18.99 -6.95
C30 LU8 C . 18.14 -18.75 -6.84
C32 LU8 C . 18.62 -16.81 -6.15
C32 LU8 C . 18.64 -16.75 -5.73
N08 LU8 C . 13.48 -23.32 -6.00
N08 LU8 C . 13.48 -23.16 -6.41
N18 LU8 C . 12.31 -30.57 -13.54
N18 LU8 C . 14.30 -28.41 -15.70
O02 LU8 C . 18.85 -19.62 -4.83
O02 LU8 C . 19.00 -19.71 -4.87
O28 LU8 C . 17.32 -18.20 -9.00
O28 LU8 C . 17.33 -17.67 -8.75
O31 LU8 C . 18.98 -17.94 -6.93
O31 LU8 C . 19.01 -17.71 -6.69
C1 EDO D . 8.07 -17.24 -0.11
O1 EDO D . 7.89 -15.89 -0.19
C2 EDO D . 8.45 -17.70 -1.46
O2 EDO D . 9.59 -18.50 -1.37
C1 EDO E . 9.45 -6.63 -33.02
O1 EDO E . 9.49 -7.57 -34.13
C2 EDO E . 10.46 -6.90 -31.96
O2 EDO E . 10.46 -8.25 -31.37
C1 EDO F . 22.96 5.51 -35.01
O1 EDO F . 22.25 6.42 -34.15
C2 EDO F . 23.56 4.39 -34.26
O2 EDO F . 23.54 4.71 -32.89
C1 EDO G . 16.85 -15.57 -29.96
O1 EDO G . 16.60 -14.18 -29.98
C2 EDO G . 15.95 -16.41 -30.77
O2 EDO G . 16.00 -16.21 -32.20
S DMS H . 8.56 -21.87 6.50
O DMS H . 9.61 -21.61 7.53
C1 DMS H . 7.16 -22.56 7.34
C2 DMS H . 7.87 -20.30 6.06
C10 LU8 I . 19.52 -22.70 14.60
C13 LU8 I . 17.98 -19.63 16.13
C15 LU8 I . 18.01 -18.63 18.41
C17 LU8 I . 16.80 -18.17 20.53
C20 LU8 I . 18.80 -16.75 19.98
C21 LU8 I . 19.17 -17.84 18.97
C22 LU8 I . 19.19 -20.80 17.77
C24 LU8 I . 20.13 -22.38 13.38
C26 LU8 I . 22.54 -22.77 11.50
C01 LU8 I . 19.71 -24.31 7.43
C03 LU8 I . 21.61 -23.73 8.95
C04 LU8 I . 20.76 -23.80 10.03
C05 LU8 I . 21.23 -23.33 11.27
C06 LU8 I . 20.48 -23.42 12.55
C07 LU8 I . 20.29 -24.75 12.96
C09 LU8 I . 19.27 -24.04 14.94
C11 LU8 I . 19.10 -21.69 15.55
C12 LU8 I . 18.29 -20.62 15.20
C14 LU8 I . 18.44 -19.71 17.45
C16 LU8 I . 17.34 -19.25 19.59
C19 LU8 I . 17.45 -16.31 21.99
C23 LU8 I . 19.54 -21.78 16.83
C25 LU8 I . 20.31 -20.98 12.91
C27 LU8 I . 23.38 -22.71 10.39
C29 LU8 I . 25.17 -21.58 11.69
C30 LU8 I . 22.90 -23.18 9.16
C32 LU8 I . 23.54 -22.13 7.07
N08 LU8 I . 19.65 -25.03 14.12
N18 LU8 I . 17.45 -16.85 20.59
O02 LU8 I . 21.14 -24.15 7.70
O28 LU8 I . 24.67 -22.21 10.48
O31 LU8 I . 23.79 -23.09 8.11
C10 LU8 J . 14.87 -21.35 15.79
C13 LU8 J . 13.53 -19.22 18.61
C15 LU8 J . 13.33 -16.60 18.77
C17 LU8 J . 11.46 -15.48 20.18
C20 LU8 J . 13.73 -14.49 19.97
C21 LU8 J . 14.33 -15.86 19.65
C22 LU8 J . 14.32 -17.76 16.88
C24 LU8 J . 14.62 -21.50 14.41
C26 LU8 J . 15.55 -22.01 11.29
C01 LU8 J . 11.65 -25.03 10.65
C03 LU8 J . 13.51 -23.59 10.35
C04 LU8 J . 13.78 -23.56 11.70
C05 LU8 J . 14.79 -22.75 12.22
C06 LU8 J . 15.02 -22.61 13.70
C07 LU8 J . 15.72 -23.59 14.41
C09 LU8 J . 15.52 -22.39 16.37
C11 LU8 J . 14.46 -20.21 16.62
C12 LU8 J . 13.88 -20.34 17.91
C14 LU8 J . 13.75 -17.89 18.15
C16 LU8 J . 11.99 -16.77 19.50
C19 LU8 J . 12.86 -15.16 22.15
C23 LU8 J . 14.70 -18.89 16.17
C25 LU8 J . 13.78 -20.46 13.65
C27 LU8 J . 15.33 -22.10 9.96
C29 LU8 J . 17.14 -20.56 9.45
C30 LU8 J . 14.28 -22.87 9.45
C32 LU8 J . 14.67 -23.83 7.29
N08 LU8 J . 15.91 -23.44 15.71
N18 LU8 J . 12.51 -14.64 20.80
O02 LU8 J . 12.59 -24.39 9.77
O28 LU8 J . 16.04 -21.38 9.03
O31 LU8 J . 14.02 -22.90 8.12
CG 2AI K . 24.23 1.19 -7.18
CG 2AI K . 24.03 1.78 -8.95
CD2 2AI K . 23.62 1.84 -8.25
CD2 2AI K . 24.61 0.90 -9.84
NE2 2AI K . 24.09 1.27 -9.35
NE2 2AI K . 25.20 -0.02 -9.10
CE1 2AI K . 24.95 0.32 -9.00
CE1 2AI K . 25.02 0.28 -7.83
ND1 2AI K . 25.03 0.28 -7.68
ND1 2AI K . 24.29 1.37 -7.72
NT 2AI K . 25.68 -0.53 -9.92
NT 2AI K . 25.51 -0.48 -6.70
S SO4 L . 5.56 -24.22 -3.18
O1 SO4 L . 5.94 -23.20 -2.24
O2 SO4 L . 4.16 -24.14 -3.41
O3 SO4 L . 6.29 -24.04 -4.41
O4 SO4 L . 5.86 -25.55 -2.70
S SO4 M . -0.27 -11.64 -36.14
O1 SO4 M . -1.07 -10.46 -35.83
O2 SO4 M . -0.87 -12.82 -35.68
O3 SO4 M . 0.98 -11.46 -35.49
O4 SO4 M . 0.05 -11.74 -37.55
S SO4 N . 19.95 -14.96 -24.15
O1 SO4 N . 19.15 -13.78 -23.84
O2 SO4 N . 19.73 -15.40 -25.53
O3 SO4 N . 19.55 -16.06 -23.28
O4 SO4 N . 21.37 -14.69 -23.92
S SO4 O . 26.68 -3.54 -9.04
O1 SO4 O . 26.24 -2.69 -10.11
O2 SO4 O . 25.61 -4.47 -8.69
O3 SO4 O . 26.99 -2.75 -7.88
O4 SO4 O . 27.82 -4.32 -9.44
C1 EDO P . 10.00 -7.11 4.87
O1 EDO P . 9.50 -7.50 3.63
C2 EDO P . 10.55 -5.77 5.03
O2 EDO P . 10.89 -5.55 6.39
C1 EDO Q . 22.38 -19.59 22.38
O1 EDO Q . 21.59 -19.57 23.55
C2 EDO Q . 21.52 -19.54 21.18
O2 EDO Q . 21.48 -20.77 20.48
C1 EDO R . -10.76 -14.11 -33.38
O1 EDO R . -11.90 -13.33 -33.04
C2 EDO R . -9.75 -14.21 -32.29
O2 EDO R . -8.89 -15.28 -32.52
C1 EDO S . 23.54 -19.17 -17.21
O1 EDO S . 23.96 -20.10 -18.18
C2 EDO S . 24.43 -18.00 -17.12
O2 EDO S . 24.49 -17.49 -15.81
C1 EDO T . 6.55 -17.34 -34.53
O1 EDO T . 6.91 -16.08 -35.09
C2 EDO T . 6.16 -17.33 -33.08
O2 EDO T . 5.05 -16.49 -32.73
C10 LU8 U . -11.83 11.47 26.35
C13 LU8 U . -13.43 8.92 28.67
C15 LU8 U . -14.24 6.63 28.36
C17 LU8 U . -15.57 4.51 27.81
C20 LU8 U . -13.95 4.49 29.54
C21 LU8 U . -13.20 5.70 28.96
C22 LU8 U . -13.21 7.95 26.48
C24 LU8 U . -10.70 11.55 25.48
C26 LU8 U . -9.18 12.39 22.86
C01 LU8 U . -5.84 15.40 25.07
C03 LU8 U . -7.03 13.95 23.54
C04 LU8 U . -8.09 13.82 24.42
C05 LU8 U . -9.14 13.01 24.12
C06 LU8 U . -10.29 12.86 25.08
C07 LU8 U . -10.94 14.00 25.51
C09 LU8 U . -12.42 12.68 26.70
C11 LU8 U . -12.43 10.19 26.88
C12 LU8 U . -12.84 10.12 28.21
C14 LU8 U . -13.57 7.87 27.82
C16 LU8 U . -14.98 5.83 27.28
C19 LU8 U . -14.94 2.36 28.86
C23 LU8 U . -12.62 9.11 26.02
C25 LU8 U . -9.94 10.28 25.08
C27 LU8 U . -8.16 12.57 21.98
C29 LU8 U . -9.13 11.10 20.36
C30 LU8 U . -7.09 13.35 22.28
C32 LU8 U . -6.07 14.65 20.59
N08 LU8 U . -12.03 13.90 26.34
N18 LU8 U . -14.49 3.72 28.43
O02 LU8 U . -5.95 14.80 23.78
O28 LU8 U . -8.11 11.98 20.75
O31 LU8 U . -6.03 13.50 21.42
S SO4 V . -19.07 18.66 27.42
O1 SO4 V . -18.88 18.56 28.82
O2 SO4 V . -20.44 19.02 27.14
O3 SO4 V . -18.22 19.70 26.86
O4 SO4 V . -18.74 17.39 26.79
C1 EDO W . -19.52 -5.79 2.91
O1 EDO W . -19.77 -7.23 3.29
C2 EDO W . -18.41 -5.16 3.64
O2 EDO W . -18.57 -5.04 5.07
S DMS X . -27.15 24.95 -2.75
O DMS X . -27.29 23.98 -1.62
C1 DMS X . -25.43 25.40 -2.85
C2 DMS X . -27.25 24.02 -4.27
CG 2AI Y . -30.51 18.22 9.84
CG 2AI Y . -33.69 18.04 10.15
CD2 2AI Y . -30.49 17.97 11.19
CD2 2AI Y . -33.45 17.74 11.45
NE2 2AI Y . -31.73 17.61 11.54
NE2 2AI Y . -32.15 17.78 11.64
CE1 2AI Y . -32.48 17.64 10.46
CE1 2AI Y . -31.60 18.08 10.50
ND1 2AI Y . -31.76 18.02 9.43
ND1 2AI Y . -32.53 18.26 9.61
NT 2AI Y . -33.90 17.33 10.42
NT 2AI Y . -30.20 18.23 10.28
S SO4 Z . -3.98 1.67 19.87
O1 SO4 Z . -4.84 2.25 20.88
O2 SO4 Z . -4.74 0.73 19.09
O3 SO4 Z . -2.89 0.98 20.51
O4 SO4 Z . -3.48 2.71 19.02
S SO4 AA . -4.39 0.62 13.21
O1 SO4 AA . -5.56 0.63 14.07
O2 SO4 AA . -4.82 0.82 11.90
O3 SO4 AA . -3.47 1.68 13.56
O4 SO4 AA . -3.72 -0.68 13.33
C1 EDO BA . -15.23 21.67 21.19
O1 EDO BA . -14.77 22.98 20.62
C2 EDO BA . -14.83 21.46 22.61
O2 EDO BA . -13.75 20.75 22.97
C1 EDO CA . -16.23 4.33 -8.99
O1 EDO CA . -16.29 5.77 -8.97
C2 EDO CA . -17.59 3.73 -8.92
O2 EDO CA . -17.96 3.30 -7.61
C1 EDO DA . -35.67 -0.44 20.37
O1 EDO DA . -36.68 0.12 19.55
C2 EDO DA . -34.56 -1.10 19.63
O2 EDO DA . -34.94 -2.22 18.84
#